data_4TOZ
#
_entry.id   4TOZ
#
_cell.length_a   74.970
_cell.length_b   76.810
_cell.length_c   89.570
_cell.angle_alpha   90.000
_cell.angle_beta   91.580
_cell.angle_gamma   90.000
#
_symmetry.space_group_name_H-M   'P 1 21 1'
#
loop_
_entity.id
_entity.type
_entity.pdbx_description
1 polymer 'Periplasmic murein peptide-binding protein'
2 non-polymer 2-AMINO-2-HYDROXYMETHYL-PROPANE-1,3-DIOL
3 water water
#
_entity_poly.entity_id   1
_entity_poly.type   'polypeptide(L)'
_entity_poly.pdbx_seq_one_letter_code
;AEVPSGTVLAEKQELVRHIKDEPASLDPAKAVGLPEIQVIRDLFEGLVNQNEKGEIVPGVATQWKSNDNRIWTFTLRDNA
KWADGTPVTAQDFVYSWQRLVDPKTLSPFAWFAALAGINNAQAIIDGKATPDQLGVTAVDAHTLKIQLDKPLPWFVNLTA
NFAFFPVQKANVESGKEWTKPGNLIGNGAYVLKERVVNEKLVVVPNTHYWDNAKTVLQKVTFLPINQESAATKRYLAGDI
DITESFPKNMYQKLLKDIPGQVYTPPQLGTYYYAFNTQKGPTADQRVRLALSMTIDRRLMTEKVLGTGEKPAWHFTPDVT
AGFTPEPSPFEQMSQEDLNAQAKTLLSAAGYGPQKPLKLTLLYNTSENHQKIAIAVASMWKKNLGVDVKLQNQEWKTYID
SRNTGNFDVIRASWVGDYNEPSTFLTLLTSTHSGNISRFNNPAYDKVLAQASTENTVKARNADYNAAEKILMEQAPIAPI
YQYTNGRLIKPWLKGYPINNPEDVAYSRTMYIVKHSRHHHHHH
;
_entity_poly.pdbx_strand_id   A,B
#
# COMPACT_ATOMS: atom_id res chain seq x y z
N ALA A 1 23.83 -24.64 8.90
CA ALA A 1 25.21 -24.48 8.34
C ALA A 1 25.27 -24.98 6.91
N GLU A 2 26.14 -24.35 6.11
CA GLU A 2 26.31 -24.75 4.71
C GLU A 2 27.68 -25.39 4.57
N VAL A 3 27.72 -26.71 4.73
CA VAL A 3 28.97 -27.45 4.62
C VAL A 3 29.26 -27.79 3.17
N PRO A 4 30.39 -27.28 2.63
CA PRO A 4 30.76 -27.55 1.24
C PRO A 4 31.07 -29.02 0.99
N SER A 5 30.51 -29.55 -0.10
CA SER A 5 30.71 -30.95 -0.47
C SER A 5 32.18 -31.34 -0.39
N GLY A 6 32.43 -32.57 0.02
CA GLY A 6 33.80 -33.05 0.14
C GLY A 6 34.37 -32.86 1.53
N THR A 7 33.92 -31.82 2.21
CA THR A 7 34.38 -31.52 3.56
C THR A 7 34.24 -32.72 4.48
N VAL A 8 35.29 -33.00 5.25
CA VAL A 8 35.28 -34.11 6.19
C VAL A 8 35.01 -33.53 7.58
N LEU A 9 33.81 -33.76 8.09
CA LEU A 9 33.42 -33.26 9.40
C LEU A 9 34.00 -34.11 10.52
N ALA A 10 34.34 -33.45 11.64
CA ALA A 10 34.86 -34.16 12.79
C ALA A 10 33.74 -35.01 13.37
N GLU A 11 34.08 -36.10 14.05
CA GLU A 11 33.07 -36.96 14.62
C GLU A 11 32.33 -36.27 15.77
N LYS A 12 33.06 -35.43 16.50
CA LYS A 12 32.49 -34.70 17.64
C LYS A 12 32.17 -33.26 17.24
N GLN A 13 30.89 -32.97 17.05
CA GLN A 13 30.45 -31.63 16.67
C GLN A 13 30.04 -30.85 17.91
N GLU A 14 31.02 -30.52 18.73
CA GLU A 14 30.79 -29.76 19.95
C GLU A 14 31.75 -28.58 19.95
N LEU A 15 31.26 -27.43 20.40
CA LEU A 15 32.05 -26.21 20.39
C LEU A 15 32.06 -25.50 21.74
N VAL A 16 33.19 -24.86 22.04
CA VAL A 16 33.34 -24.09 23.27
C VAL A 16 33.60 -22.65 22.86
N ARG A 17 32.63 -21.77 23.15
CA ARG A 17 32.73 -20.36 22.81
C ARG A 17 32.96 -19.50 24.04
N HIS A 18 34.00 -18.68 23.99
CA HIS A 18 34.30 -17.78 25.09
C HIS A 18 33.43 -16.53 25.00
N ILE A 19 32.91 -16.09 26.14
CA ILE A 19 32.14 -14.84 26.20
C ILE A 19 32.81 -14.03 27.31
N LYS A 20 32.81 -12.71 27.15
CA LYS A 20 33.50 -11.82 28.08
C LYS A 20 33.04 -11.69 29.53
N ASP A 21 31.86 -12.16 29.86
CA ASP A 21 31.39 -12.09 31.24
C ASP A 21 30.16 -12.98 31.42
N GLU A 22 29.74 -13.15 32.67
CA GLU A 22 28.57 -13.95 33.00
C GLU A 22 27.36 -13.28 32.38
N PRO A 23 26.56 -14.03 31.60
CA PRO A 23 25.39 -13.41 31.00
C PRO A 23 24.40 -12.93 32.05
N ALA A 24 23.82 -11.76 31.82
CA ALA A 24 22.82 -11.25 32.73
C ALA A 24 21.53 -11.93 32.28
N SER A 25 20.51 -11.15 31.96
CA SER A 25 19.23 -11.72 31.56
C SER A 25 19.22 -12.35 30.16
N LEU A 26 18.67 -13.55 30.06
CA LEU A 26 18.55 -14.23 28.78
C LEU A 26 17.20 -13.86 28.15
N ASP A 27 16.52 -12.91 28.77
CA ASP A 27 15.24 -12.39 28.28
C ASP A 27 15.62 -11.32 27.26
N PRO A 28 15.22 -11.49 25.99
CA PRO A 28 15.55 -10.49 24.97
C PRO A 28 15.20 -9.05 25.37
N ALA A 29 14.11 -8.88 26.11
CA ALA A 29 13.66 -7.56 26.53
C ALA A 29 14.35 -7.00 27.78
N LYS A 30 15.20 -7.80 28.42
CA LYS A 30 15.90 -7.33 29.61
C LYS A 30 17.42 -7.43 29.47
N ALA A 31 17.88 -8.03 28.38
CA ALA A 31 19.30 -8.17 28.12
C ALA A 31 19.97 -6.81 28.02
N VAL A 32 21.21 -6.72 28.46
CA VAL A 32 21.96 -5.47 28.43
C VAL A 32 23.28 -5.55 27.67
N GLY A 33 24.09 -6.56 27.98
CA GLY A 33 25.38 -6.70 27.34
C GLY A 33 25.54 -7.81 26.33
N LEU A 34 26.67 -7.80 25.64
CA LEU A 34 26.98 -8.80 24.61
C LEU A 34 26.95 -10.26 25.04
N PRO A 35 27.44 -10.58 26.25
CA PRO A 35 27.40 -11.99 26.65
C PRO A 35 26.02 -12.63 26.54
N GLU A 36 25.01 -12.00 27.14
CA GLU A 36 23.66 -12.57 27.06
C GLU A 36 23.09 -12.46 25.65
N ILE A 37 23.41 -11.38 24.96
CA ILE A 37 22.91 -11.19 23.60
C ILE A 37 23.41 -12.29 22.68
N GLN A 38 24.68 -12.67 22.83
CA GLN A 38 25.27 -13.73 22.00
C GLN A 38 24.58 -15.08 22.26
N VAL A 39 24.22 -15.34 23.50
CA VAL A 39 23.53 -16.59 23.82
C VAL A 39 22.10 -16.51 23.29
N ILE A 40 21.48 -15.35 23.45
CA ILE A 40 20.11 -15.13 22.99
C ILE A 40 19.96 -15.39 21.48
N ARG A 41 20.99 -15.09 20.69
CA ARG A 41 20.92 -15.32 19.24
C ARG A 41 20.84 -16.81 18.89
N ASP A 42 21.23 -17.67 19.83
CA ASP A 42 21.14 -19.12 19.61
C ASP A 42 19.82 -19.67 20.14
N LEU A 43 19.27 -19.03 21.17
CA LEU A 43 18.03 -19.50 21.79
C LEU A 43 16.74 -18.97 21.19
N PHE A 44 16.82 -17.81 20.54
CA PHE A 44 15.66 -17.17 19.93
C PHE A 44 15.98 -16.77 18.50
N GLU A 45 14.94 -16.41 17.74
CA GLU A 45 15.11 -15.98 16.36
C GLU A 45 14.06 -14.95 15.99
N GLY A 46 14.50 -13.87 15.36
CA GLY A 46 13.58 -12.82 14.97
C GLY A 46 12.92 -13.08 13.63
N LEU A 47 12.25 -12.06 13.10
CA LEU A 47 11.58 -12.17 11.81
C LEU A 47 12.61 -12.51 10.74
N VAL A 48 13.80 -11.92 10.87
CA VAL A 48 14.87 -12.17 9.91
C VAL A 48 16.22 -12.34 10.62
N ASN A 49 17.19 -12.84 9.87
CA ASN A 49 18.54 -13.03 10.37
C ASN A 49 19.46 -12.20 9.48
N GLN A 50 20.68 -11.97 9.95
CA GLN A 50 21.66 -11.22 9.17
C GLN A 50 22.85 -12.13 8.94
N ASN A 51 23.13 -12.47 7.67
CA ASN A 51 24.27 -13.34 7.38
C ASN A 51 25.60 -12.61 7.48
N GLU A 52 26.69 -13.30 7.20
CA GLU A 52 28.01 -12.69 7.34
C GLU A 52 28.19 -11.39 6.55
N LYS A 53 27.62 -11.32 5.35
CA LYS A 53 27.75 -10.13 4.52
C LYS A 53 26.81 -9.01 4.97
N GLY A 54 25.96 -9.29 5.94
CA GLY A 54 25.04 -8.28 6.42
C GLY A 54 23.72 -8.31 5.67
N GLU A 55 23.56 -9.27 4.76
CA GLU A 55 22.34 -9.40 3.99
C GLU A 55 21.25 -9.93 4.91
N ILE A 56 20.02 -9.52 4.65
CA ILE A 56 18.88 -9.96 5.45
C ILE A 56 18.28 -11.20 4.82
N VAL A 57 18.25 -12.28 5.60
CA VAL A 57 17.70 -13.56 5.14
C VAL A 57 16.56 -13.98 6.05
N PRO A 58 15.69 -14.86 5.57
CA PRO A 58 14.55 -15.31 6.38
C PRO A 58 14.85 -15.92 7.75
N GLY A 59 14.01 -15.55 8.70
CA GLY A 59 14.08 -16.08 10.06
C GLY A 59 12.70 -16.68 10.20
N VAL A 60 11.86 -16.13 11.08
CA VAL A 60 10.50 -16.64 11.21
C VAL A 60 9.72 -16.19 9.97
N ALA A 61 10.10 -15.03 9.43
CA ALA A 61 9.43 -14.49 8.24
C ALA A 61 10.11 -15.01 6.98
N THR A 62 9.31 -15.33 5.96
CA THR A 62 9.84 -15.82 4.70
C THR A 62 9.75 -14.76 3.63
N GLN A 63 8.95 -13.72 3.90
CA GLN A 63 8.76 -12.62 2.95
C GLN A 63 8.43 -11.34 3.71
N TRP A 64 8.79 -10.21 3.12
CA TRP A 64 8.50 -8.92 3.69
C TRP A 64 8.39 -7.90 2.57
N LYS A 65 7.32 -7.13 2.59
CA LYS A 65 7.10 -6.14 1.56
C LYS A 65 6.59 -4.81 2.09
N SER A 66 6.89 -3.76 1.35
CA SER A 66 6.48 -2.41 1.68
C SER A 66 6.77 -1.54 0.47
N ASN A 67 5.75 -0.94 -0.10
CA ASN A 67 5.92 -0.08 -1.26
C ASN A 67 6.25 1.35 -0.83
N ASP A 68 5.64 1.80 0.27
CA ASP A 68 5.84 3.15 0.77
C ASP A 68 6.87 3.25 1.90
N ASN A 69 7.41 2.10 2.31
CA ASN A 69 8.41 2.04 3.39
C ASN A 69 7.86 2.44 4.76
N ARG A 70 6.56 2.65 4.84
CA ARG A 70 5.89 3.04 6.08
C ARG A 70 5.06 1.90 6.67
N ILE A 71 4.37 1.17 5.80
CA ILE A 71 3.57 0.03 6.25
C ILE A 71 4.27 -1.21 5.74
N TRP A 72 4.68 -2.07 6.67
CA TRP A 72 5.38 -3.29 6.31
C TRP A 72 4.54 -4.53 6.59
N THR A 73 4.57 -5.47 5.65
CA THR A 73 3.83 -6.71 5.82
C THR A 73 4.78 -7.90 5.75
N PHE A 74 4.84 -8.66 6.84
CA PHE A 74 5.70 -9.83 6.91
C PHE A 74 4.87 -11.10 6.84
N THR A 75 5.32 -12.03 6.00
CA THR A 75 4.66 -13.32 5.84
C THR A 75 5.52 -14.28 6.67
N LEU A 76 4.87 -15.00 7.57
CA LEU A 76 5.58 -15.93 8.45
C LEU A 76 5.43 -17.36 7.97
N ARG A 77 6.50 -18.14 8.12
CA ARG A 77 6.47 -19.55 7.73
C ARG A 77 5.49 -20.26 8.64
N ASP A 78 4.94 -21.37 8.18
CA ASP A 78 3.99 -22.11 9.00
C ASP A 78 4.66 -23.24 9.77
N ASN A 79 5.99 -23.33 9.68
CA ASN A 79 6.71 -24.37 10.39
C ASN A 79 7.71 -23.82 11.41
N ALA A 80 7.49 -22.58 11.84
CA ALA A 80 8.35 -21.97 12.86
C ALA A 80 7.83 -22.52 14.18
N LYS A 81 8.73 -23.01 15.03
CA LYS A 81 8.30 -23.58 16.30
C LYS A 81 9.16 -23.23 17.50
N TRP A 82 8.50 -23.20 18.65
CA TRP A 82 9.17 -22.96 19.92
C TRP A 82 9.82 -24.29 20.26
N ALA A 83 10.74 -24.28 21.22
CA ALA A 83 11.45 -25.49 21.61
C ALA A 83 10.56 -26.60 22.15
N ASP A 84 9.32 -26.28 22.52
CA ASP A 84 8.41 -27.29 23.05
C ASP A 84 7.52 -27.86 21.95
N GLY A 85 7.77 -27.45 20.71
CA GLY A 85 7.01 -27.95 19.59
C GLY A 85 5.79 -27.13 19.16
N THR A 86 5.44 -26.11 19.94
CA THR A 86 4.29 -25.28 19.61
C THR A 86 4.68 -24.27 18.53
N PRO A 87 3.70 -23.85 17.72
CA PRO A 87 3.98 -22.88 16.65
C PRO A 87 4.27 -21.45 17.06
N VAL A 88 5.10 -20.79 16.27
CA VAL A 88 5.41 -19.37 16.48
C VAL A 88 4.48 -18.70 15.48
N THR A 89 3.71 -17.71 15.92
CA THR A 89 2.79 -17.03 15.02
C THR A 89 2.92 -15.52 15.14
N ALA A 90 2.15 -14.81 14.33
CA ALA A 90 2.21 -13.36 14.35
C ALA A 90 1.86 -12.80 15.73
N GLN A 91 0.93 -13.45 16.42
CA GLN A 91 0.55 -12.97 17.74
C GLN A 91 1.73 -12.98 18.71
N ASP A 92 2.65 -13.94 18.56
CA ASP A 92 3.80 -13.97 19.45
C ASP A 92 4.60 -12.68 19.31
N PHE A 93 4.67 -12.15 18.09
CA PHE A 93 5.42 -10.92 17.87
C PHE A 93 4.66 -9.71 18.41
N VAL A 94 3.34 -9.70 18.27
CA VAL A 94 2.55 -8.61 18.80
C VAL A 94 2.77 -8.56 20.31
N TYR A 95 2.65 -9.71 20.96
CA TYR A 95 2.84 -9.83 22.39
C TYR A 95 4.23 -9.37 22.83
N SER A 96 5.25 -9.86 22.12
CA SER A 96 6.63 -9.55 22.46
C SER A 96 7.03 -8.09 22.25
N TRP A 97 6.59 -7.50 21.16
CA TRP A 97 6.94 -6.11 20.87
C TRP A 97 6.18 -5.17 21.82
N GLN A 98 4.94 -5.52 22.16
CA GLN A 98 4.19 -4.69 23.10
C GLN A 98 4.91 -4.76 24.45
N ARG A 99 5.39 -5.96 24.79
CA ARG A 99 6.12 -6.18 26.03
C ARG A 99 7.44 -5.39 26.06
N LEU A 100 8.09 -5.29 24.91
CA LEU A 100 9.34 -4.55 24.82
C LEU A 100 9.20 -3.09 25.25
N VAL A 101 8.11 -2.45 24.81
CA VAL A 101 7.88 -1.04 25.14
C VAL A 101 7.04 -0.80 26.40
N ASP A 102 6.41 -1.85 26.91
CA ASP A 102 5.58 -1.78 28.11
C ASP A 102 6.41 -1.22 29.27
N PRO A 103 5.94 -0.14 29.92
CA PRO A 103 6.69 0.43 31.04
C PRO A 103 7.02 -0.58 32.13
N LYS A 104 6.16 -1.59 32.30
CA LYS A 104 6.38 -2.60 33.35
C LYS A 104 7.59 -3.47 33.11
N THR A 105 7.99 -3.61 31.85
CA THR A 105 9.14 -4.44 31.49
C THR A 105 10.48 -3.78 31.80
N LEU A 106 10.49 -2.45 31.84
CA LEU A 106 11.72 -1.71 32.13
C LEU A 106 12.86 -2.19 31.23
N SER A 107 12.57 -2.37 29.95
CA SER A 107 13.59 -2.84 29.02
C SER A 107 14.68 -1.83 28.73
N PRO A 108 15.95 -2.26 28.82
CA PRO A 108 17.05 -1.33 28.54
C PRO A 108 17.11 -1.00 27.05
N PHE A 109 16.35 -1.73 26.24
CA PHE A 109 16.34 -1.46 24.80
C PHE A 109 14.97 -1.10 24.23
N ALA A 110 14.06 -0.67 25.10
CA ALA A 110 12.74 -0.25 24.65
C ALA A 110 12.89 0.85 23.62
N TRP A 111 13.90 1.70 23.82
CA TRP A 111 14.16 2.81 22.91
C TRP A 111 14.39 2.38 21.48
N PHE A 112 14.85 1.15 21.27
CA PHE A 112 15.11 0.65 19.93
C PHE A 112 13.82 0.64 19.10
N ALA A 113 12.68 0.41 19.76
CA ALA A 113 11.41 0.38 19.05
C ALA A 113 11.06 1.77 18.51
N ALA A 114 11.48 2.81 19.23
CA ALA A 114 11.23 4.18 18.79
C ALA A 114 12.21 4.52 17.67
N LEU A 115 13.44 4.03 17.78
CA LEU A 115 14.43 4.26 16.73
C LEU A 115 13.91 3.63 15.44
N ALA A 116 13.30 2.45 15.57
CA ALA A 116 12.74 1.74 14.43
C ALA A 116 11.47 2.38 13.87
N GLY A 117 10.96 3.38 14.58
CA GLY A 117 9.77 4.09 14.13
C GLY A 117 8.43 3.39 14.27
N ILE A 118 8.37 2.30 15.02
CA ILE A 118 7.11 1.60 15.18
C ILE A 118 6.13 2.57 15.86
N ASN A 119 5.00 2.78 15.21
CA ASN A 119 4.01 3.73 15.71
C ASN A 119 3.68 3.66 17.19
N ASN A 120 3.78 4.82 17.83
CA ASN A 120 3.49 5.00 19.25
C ASN A 120 4.45 4.37 20.23
N ALA A 121 5.59 3.90 19.75
CA ALA A 121 6.56 3.27 20.65
C ALA A 121 6.93 4.14 21.86
N GLN A 122 7.38 5.36 21.61
CA GLN A 122 7.77 6.24 22.69
C GLN A 122 6.61 6.61 23.60
N ALA A 123 5.42 6.76 23.03
CA ALA A 123 4.25 7.10 23.82
C ALA A 123 3.97 6.01 24.84
N ILE A 124 4.18 4.76 24.43
CA ILE A 124 3.95 3.63 25.33
C ILE A 124 5.05 3.57 26.40
N ILE A 125 6.30 3.74 25.97
CA ILE A 125 7.41 3.75 26.91
C ILE A 125 7.17 4.80 27.99
N ASP A 126 6.67 5.96 27.58
CA ASP A 126 6.41 7.07 28.50
C ASP A 126 5.12 6.92 29.31
N GLY A 127 4.39 5.83 29.09
CA GLY A 127 3.15 5.58 29.82
C GLY A 127 1.95 6.39 29.37
N LYS A 128 2.10 7.11 28.27
CA LYS A 128 1.04 7.97 27.74
C LYS A 128 -0.01 7.21 26.93
N ALA A 129 0.37 6.06 26.38
CA ALA A 129 -0.53 5.24 25.58
C ALA A 129 -0.41 3.79 26.02
N THR A 130 -1.50 3.04 25.92
CA THR A 130 -1.47 1.63 26.31
C THR A 130 -0.68 0.83 25.27
N PRO A 131 -0.07 -0.28 25.68
CA PRO A 131 0.72 -1.10 24.75
C PRO A 131 -0.01 -1.54 23.48
N ASP A 132 -1.31 -1.75 23.54
CA ASP A 132 -2.06 -2.20 22.37
C ASP A 132 -2.11 -1.13 21.28
N GLN A 133 -1.61 0.05 21.58
CA GLN A 133 -1.59 1.13 20.59
C GLN A 133 -0.34 1.04 19.70
N LEU A 134 0.55 0.10 20.01
CA LEU A 134 1.77 -0.06 19.22
C LEU A 134 1.40 -0.44 17.79
N GLY A 135 2.17 0.08 16.83
CA GLY A 135 1.91 -0.18 15.43
C GLY A 135 2.28 -1.55 14.88
N VAL A 136 1.79 -2.60 15.52
CA VAL A 136 2.05 -3.97 15.07
C VAL A 136 0.75 -4.75 15.23
N THR A 137 0.34 -5.42 14.15
CA THR A 137 -0.90 -6.18 14.13
C THR A 137 -0.74 -7.57 13.54
N ALA A 138 -1.45 -8.54 14.14
CA ALA A 138 -1.43 -9.90 13.63
C ALA A 138 -2.69 -10.03 12.76
N VAL A 139 -2.54 -9.84 11.46
CA VAL A 139 -3.66 -9.94 10.52
C VAL A 139 -4.23 -11.36 10.62
N ASP A 140 -3.33 -12.33 10.68
CA ASP A 140 -3.69 -13.73 10.86
C ASP A 140 -2.43 -14.40 11.40
N ALA A 141 -2.47 -15.69 11.67
CA ALA A 141 -1.32 -16.38 12.24
C ALA A 141 -0.02 -16.22 11.49
N HIS A 142 -0.09 -16.03 10.17
CA HIS A 142 1.12 -15.91 9.37
C HIS A 142 1.32 -14.58 8.67
N THR A 143 0.64 -13.55 9.16
CA THR A 143 0.75 -12.22 8.57
C THR A 143 0.88 -11.15 9.66
N LEU A 144 2.03 -10.49 9.69
CA LEU A 144 2.31 -9.45 10.68
C LEU A 144 2.41 -8.12 9.95
N LYS A 145 1.54 -7.18 10.30
CA LYS A 145 1.52 -5.86 9.66
C LYS A 145 2.04 -4.81 10.63
N ILE A 146 2.98 -4.01 10.16
CA ILE A 146 3.61 -2.99 10.99
C ILE A 146 3.44 -1.59 10.41
N GLN A 147 3.06 -0.65 11.25
CA GLN A 147 2.87 0.74 10.85
C GLN A 147 3.96 1.58 11.48
N LEU A 148 4.76 2.26 10.65
CA LEU A 148 5.83 3.11 11.15
C LEU A 148 5.39 4.58 11.14
N ASP A 149 6.10 5.42 11.89
CA ASP A 149 5.76 6.84 11.96
C ASP A 149 6.58 7.70 11.00
N LYS A 150 7.30 7.03 10.11
CA LYS A 150 8.14 7.70 9.11
C LYS A 150 8.54 6.63 8.10
N PRO A 151 9.01 7.05 6.91
CA PRO A 151 9.42 6.06 5.91
C PRO A 151 10.80 5.53 6.27
N LEU A 152 10.93 4.22 6.35
CA LEU A 152 12.21 3.61 6.71
C LEU A 152 12.49 2.41 5.82
N PRO A 153 13.14 2.61 4.66
CA PRO A 153 13.43 1.51 3.74
C PRO A 153 14.19 0.36 4.40
N TRP A 154 15.02 0.70 5.39
CA TRP A 154 15.84 -0.27 6.11
C TRP A 154 15.19 -0.83 7.37
N PHE A 155 13.88 -0.64 7.52
CA PHE A 155 13.22 -1.16 8.71
C PHE A 155 13.48 -2.65 8.91
N VAL A 156 13.36 -3.43 7.83
CA VAL A 156 13.55 -4.87 7.97
C VAL A 156 14.91 -5.23 8.59
N ASN A 157 15.95 -4.47 8.29
CA ASN A 157 17.26 -4.75 8.85
C ASN A 157 17.23 -4.70 10.37
N LEU A 158 16.43 -3.79 10.93
CA LEU A 158 16.34 -3.67 12.38
C LEU A 158 15.64 -4.84 13.07
N THR A 159 14.82 -5.58 12.33
CA THR A 159 14.11 -6.70 12.94
C THR A 159 15.02 -7.90 13.22
N ALA A 160 16.28 -7.81 12.83
CA ALA A 160 17.25 -8.87 13.10
C ALA A 160 17.84 -8.61 14.49
N ASN A 161 17.49 -7.47 15.09
CA ASN A 161 18.00 -7.12 16.42
C ASN A 161 17.29 -7.92 17.51
N PHE A 162 18.08 -8.42 18.47
CA PHE A 162 17.57 -9.23 19.58
C PHE A 162 16.37 -8.64 20.33
N ALA A 163 16.30 -7.31 20.43
CA ALA A 163 15.20 -6.68 21.14
C ALA A 163 13.85 -7.01 20.51
N PHE A 164 13.87 -7.31 19.21
CA PHE A 164 12.65 -7.65 18.49
C PHE A 164 12.43 -9.16 18.39
N PHE A 165 13.19 -9.93 19.17
CA PHE A 165 13.00 -11.37 19.17
C PHE A 165 11.72 -11.69 19.93
N PRO A 166 11.01 -12.74 19.52
CA PRO A 166 9.77 -13.11 20.20
C PRO A 166 10.04 -13.95 21.42
N VAL A 167 9.15 -13.87 22.41
CA VAL A 167 9.24 -14.70 23.61
C VAL A 167 7.86 -15.35 23.70
N GLN A 168 7.79 -16.51 24.34
CA GLN A 168 6.55 -17.25 24.46
C GLN A 168 5.79 -16.82 25.71
N LYS A 169 4.61 -16.24 25.51
CA LYS A 169 3.78 -15.74 26.61
C LYS A 169 3.59 -16.72 27.77
N ALA A 170 3.20 -17.95 27.48
CA ALA A 170 3.00 -18.95 28.54
C ALA A 170 4.27 -19.17 29.36
N ASN A 171 5.41 -19.17 28.68
CA ASN A 171 6.70 -19.38 29.32
C ASN A 171 7.02 -18.17 30.23
N VAL A 172 6.98 -16.98 29.64
CA VAL A 172 7.26 -15.75 30.38
C VAL A 172 6.39 -15.58 31.62
N GLU A 173 5.09 -15.82 31.46
CA GLU A 173 4.17 -15.63 32.57
C GLU A 173 4.24 -16.68 33.67
N SER A 174 5.14 -17.65 33.53
CA SER A 174 5.30 -18.66 34.56
C SER A 174 6.11 -18.06 35.72
N GLY A 175 6.73 -16.91 35.49
CA GLY A 175 7.49 -16.28 36.56
C GLY A 175 8.98 -16.15 36.35
N LYS A 176 9.66 -15.69 37.40
CA LYS A 176 11.10 -15.45 37.38
C LYS A 176 12.00 -16.63 37.00
N GLU A 177 11.50 -17.85 37.15
CA GLU A 177 12.32 -19.02 36.83
C GLU A 177 12.21 -19.41 35.35
N TRP A 178 11.50 -18.61 34.57
CA TRP A 178 11.29 -18.97 33.17
C TRP A 178 12.53 -19.07 32.29
N THR A 179 13.62 -18.38 32.68
CA THR A 179 14.84 -18.43 31.89
C THR A 179 15.85 -19.47 32.36
N LYS A 180 15.50 -20.26 33.36
CA LYS A 180 16.42 -21.28 33.86
C LYS A 180 16.57 -22.43 32.89
N PRO A 181 17.69 -23.15 32.96
CA PRO A 181 17.88 -24.28 32.05
C PRO A 181 16.75 -25.29 32.25
N GLY A 182 16.20 -25.77 31.14
CA GLY A 182 15.11 -26.72 31.21
C GLY A 182 13.76 -26.02 31.23
N ASN A 183 13.78 -24.71 31.44
CA ASN A 183 12.55 -23.90 31.50
C ASN A 183 12.41 -22.92 30.34
N LEU A 184 13.54 -22.40 29.87
CA LEU A 184 13.52 -21.41 28.80
C LEU A 184 13.12 -22.01 27.46
N ILE A 185 11.98 -21.57 26.95
CA ILE A 185 11.46 -22.06 25.67
C ILE A 185 11.60 -20.99 24.59
N GLY A 186 12.66 -21.10 23.79
CA GLY A 186 12.87 -20.14 22.72
C GLY A 186 12.56 -20.75 21.36
N ASN A 187 12.71 -19.96 20.31
CA ASN A 187 12.43 -20.42 18.96
C ASN A 187 13.67 -20.43 18.07
N GLY A 188 14.84 -20.36 18.71
CA GLY A 188 16.08 -20.38 17.97
C GLY A 188 16.53 -21.79 17.61
N ALA A 189 17.73 -21.90 17.06
CA ALA A 189 18.26 -23.19 16.66
C ALA A 189 18.66 -24.06 17.85
N TYR A 190 18.83 -23.44 19.01
CA TYR A 190 19.24 -24.16 20.21
C TYR A 190 18.32 -23.94 21.40
N VAL A 191 18.53 -24.75 22.43
CA VAL A 191 17.76 -24.69 23.65
C VAL A 191 18.73 -24.80 24.83
N LEU A 192 18.47 -24.04 25.89
CA LEU A 192 19.31 -24.05 27.08
C LEU A 192 19.09 -25.34 27.86
N LYS A 193 20.12 -26.17 27.93
CA LYS A 193 20.04 -27.45 28.62
C LYS A 193 20.56 -27.44 30.05
N GLU A 194 21.70 -26.80 30.27
CA GLU A 194 22.27 -26.75 31.61
C GLU A 194 23.04 -25.46 31.83
N ARG A 195 23.20 -25.09 33.08
CA ARG A 195 23.93 -23.89 33.40
C ARG A 195 24.47 -23.89 34.82
N VAL A 196 25.74 -23.49 34.93
CA VAL A 196 26.40 -23.39 36.22
C VAL A 196 26.75 -21.91 36.31
N VAL A 197 26.09 -21.21 37.22
CA VAL A 197 26.31 -19.78 37.39
C VAL A 197 27.79 -19.43 37.46
N ASN A 198 28.18 -18.43 36.67
CA ASN A 198 29.56 -17.95 36.61
C ASN A 198 30.56 -18.96 36.07
N GLU A 199 30.06 -20.08 35.52
CA GLU A 199 30.96 -21.09 34.99
C GLU A 199 30.69 -21.46 33.53
N LYS A 200 29.45 -21.83 33.21
CA LYS A 200 29.15 -22.22 31.85
C LYS A 200 27.65 -22.32 31.55
N LEU A 201 27.33 -22.19 30.26
CA LEU A 201 25.97 -22.33 29.77
C LEU A 201 26.08 -23.34 28.65
N VAL A 202 25.25 -24.37 28.68
CA VAL A 202 25.29 -25.39 27.66
C VAL A 202 23.97 -25.44 26.91
N VAL A 203 24.05 -25.37 25.58
CA VAL A 203 22.88 -25.41 24.74
C VAL A 203 23.01 -26.55 23.74
N VAL A 204 21.89 -27.15 23.39
CA VAL A 204 21.87 -28.24 22.42
C VAL A 204 20.81 -27.86 21.38
N PRO A 205 20.81 -28.51 20.22
CA PRO A 205 19.80 -28.13 19.24
C PRO A 205 18.33 -28.25 19.61
N ASN A 206 17.57 -27.23 19.21
CA ASN A 206 16.12 -27.20 19.39
C ASN A 206 15.73 -27.95 18.11
N THR A 207 15.45 -29.24 18.22
CA THR A 207 15.13 -30.03 17.04
C THR A 207 13.87 -29.60 16.30
N HIS A 208 13.08 -28.72 16.91
CA HIS A 208 11.87 -28.21 16.30
C HIS A 208 12.17 -26.98 15.42
N TYR A 209 13.38 -26.45 15.52
CA TYR A 209 13.77 -25.29 14.73
C TYR A 209 13.47 -25.59 13.25
N TRP A 210 12.86 -24.64 12.55
CA TRP A 210 12.51 -24.89 11.16
C TRP A 210 13.66 -25.35 10.27
N ASP A 211 14.87 -24.87 10.56
CA ASP A 211 16.04 -25.21 9.76
C ASP A 211 16.97 -26.19 10.47
N ASN A 212 16.44 -26.97 11.40
CA ASN A 212 17.24 -27.92 12.14
C ASN A 212 18.00 -28.95 11.29
N ALA A 213 17.46 -29.30 10.14
CA ALA A 213 18.12 -30.27 9.28
C ALA A 213 19.51 -29.79 8.87
N LYS A 214 19.73 -28.48 8.90
CA LYS A 214 21.02 -27.90 8.52
C LYS A 214 21.93 -27.60 9.72
N THR A 215 21.41 -27.78 10.92
CA THR A 215 22.20 -27.52 12.13
C THR A 215 23.22 -28.64 12.29
N VAL A 216 24.47 -28.27 12.54
CA VAL A 216 25.54 -29.25 12.69
C VAL A 216 26.01 -29.44 14.12
N LEU A 217 26.38 -28.36 14.81
CA LEU A 217 26.86 -28.45 16.17
C LEU A 217 25.78 -29.01 17.10
N GLN A 218 26.10 -30.09 17.80
CA GLN A 218 25.15 -30.73 18.70
C GLN A 218 25.26 -30.25 20.14
N LYS A 219 26.32 -29.50 20.43
CA LYS A 219 26.50 -28.96 21.76
C LYS A 219 27.40 -27.74 21.68
N VAL A 220 26.96 -26.66 22.32
CA VAL A 220 27.75 -25.44 22.35
C VAL A 220 27.82 -25.01 23.80
N THR A 221 29.04 -24.84 24.28
CA THR A 221 29.27 -24.43 25.65
C THR A 221 29.80 -23.00 25.66
N PHE A 222 29.09 -22.12 26.34
CA PHE A 222 29.52 -20.73 26.46
C PHE A 222 30.29 -20.62 27.77
N LEU A 223 31.55 -20.18 27.69
CA LEU A 223 32.38 -20.05 28.88
C LEU A 223 32.65 -18.58 29.21
N PRO A 224 31.98 -18.06 30.25
CA PRO A 224 32.19 -16.66 30.63
C PRO A 224 33.53 -16.49 31.36
N ILE A 225 34.44 -15.76 30.76
CA ILE A 225 35.75 -15.50 31.34
C ILE A 225 36.04 -14.01 31.23
N ASN A 226 35.90 -13.29 32.35
CA ASN A 226 36.13 -11.85 32.36
C ASN A 226 37.60 -11.55 32.69
N GLN A 227 38.48 -12.36 32.13
CA GLN A 227 39.92 -12.21 32.33
C GLN A 227 40.54 -11.86 30.98
N GLU A 228 41.02 -10.62 30.86
CA GLU A 228 41.60 -10.11 29.62
C GLU A 228 42.70 -10.93 28.95
N SER A 229 43.50 -11.66 29.71
CA SER A 229 44.60 -12.44 29.14
C SER A 229 44.44 -13.95 29.29
N ALA A 230 43.80 -14.36 30.37
CA ALA A 230 43.60 -15.78 30.64
C ALA A 230 42.79 -16.48 29.55
N ALA A 231 41.81 -15.79 28.99
CA ALA A 231 40.99 -16.38 27.95
C ALA A 231 41.85 -16.81 26.77
N THR A 232 42.78 -15.95 26.39
CA THR A 232 43.69 -16.25 25.29
C THR A 232 44.55 -17.46 25.60
N LYS A 233 45.06 -17.53 26.83
CA LYS A 233 45.90 -18.65 27.22
C LYS A 233 45.12 -19.97 27.26
N ARG A 234 43.89 -19.92 27.74
CA ARG A 234 43.08 -21.14 27.80
C ARG A 234 42.76 -21.59 26.37
N TYR A 235 42.66 -20.62 25.46
CA TYR A 235 42.40 -20.92 24.06
C TYR A 235 43.62 -21.67 23.51
N LEU A 236 44.80 -21.12 23.79
CA LEU A 236 46.04 -21.74 23.32
C LEU A 236 46.22 -23.13 23.91
N ALA A 237 45.67 -23.35 25.11
CA ALA A 237 45.77 -24.64 25.78
C ALA A 237 44.75 -25.63 25.22
N GLY A 238 43.85 -25.14 24.37
CA GLY A 238 42.85 -25.99 23.76
C GLY A 238 41.54 -26.12 24.53
N ASP A 239 41.28 -25.22 25.47
CA ASP A 239 40.04 -25.28 26.24
C ASP A 239 38.93 -24.48 25.61
N ILE A 240 39.29 -23.65 24.64
CA ILE A 240 38.33 -22.79 23.95
C ILE A 240 38.60 -22.84 22.45
N ASP A 241 37.53 -22.83 21.64
CA ASP A 241 37.67 -22.89 20.20
C ASP A 241 37.65 -21.51 19.54
N ILE A 242 37.12 -20.52 20.25
CA ILE A 242 37.05 -19.17 19.72
C ILE A 242 36.95 -18.18 20.87
N THR A 243 37.75 -17.12 20.81
CA THR A 243 37.76 -16.12 21.87
C THR A 243 37.23 -14.78 21.37
N GLU A 244 36.98 -13.88 22.30
CA GLU A 244 36.54 -12.54 21.96
C GLU A 244 37.50 -11.55 22.62
N SER A 245 38.23 -10.84 21.78
CA SER A 245 39.19 -9.83 22.17
C SER A 245 40.49 -10.35 22.80
N PHE A 246 41.54 -9.56 22.65
CA PHE A 246 42.84 -9.87 23.23
C PHE A 246 43.58 -8.55 23.45
N PRO A 247 44.37 -8.46 24.52
CA PRO A 247 45.13 -7.25 24.85
C PRO A 247 46.15 -6.88 23.78
N LYS A 248 46.37 -5.58 23.62
CA LYS A 248 47.33 -5.07 22.65
C LYS A 248 48.72 -5.65 22.95
N ASN A 249 49.02 -5.77 24.24
CA ASN A 249 50.31 -6.29 24.67
C ASN A 249 50.49 -7.78 24.34
N MET A 250 49.44 -8.41 23.83
CA MET A 250 49.50 -9.81 23.47
C MET A 250 49.39 -9.98 21.95
N TYR A 251 48.91 -8.94 21.28
CA TYR A 251 48.71 -8.95 19.84
C TYR A 251 49.93 -9.34 19.00
N GLN A 252 51.06 -8.67 19.22
CA GLN A 252 52.27 -8.96 18.46
C GLN A 252 52.73 -10.41 18.57
N LYS A 253 52.67 -10.97 19.78
CA LYS A 253 53.09 -12.35 19.98
C LYS A 253 52.12 -13.30 19.27
N LEU A 254 50.83 -12.99 19.31
CA LEU A 254 49.83 -13.82 18.67
C LEU A 254 50.05 -13.82 17.15
N LEU A 255 50.37 -12.66 16.59
CA LEU A 255 50.61 -12.57 15.14
C LEU A 255 51.82 -13.41 14.76
N LYS A 256 52.79 -13.50 15.66
CA LYS A 256 54.00 -14.27 15.41
C LYS A 256 53.80 -15.77 15.58
N ASP A 257 53.05 -16.15 16.62
CA ASP A 257 52.84 -17.58 16.89
C ASP A 257 51.70 -18.23 16.11
N ILE A 258 50.56 -17.57 16.03
CA ILE A 258 49.39 -18.12 15.34
C ILE A 258 48.70 -17.13 14.39
N PRO A 259 49.44 -16.61 13.40
CA PRO A 259 48.90 -15.64 12.44
C PRO A 259 47.66 -16.10 11.67
N GLY A 260 47.53 -17.41 11.44
CA GLY A 260 46.37 -17.92 10.72
C GLY A 260 45.12 -18.03 11.58
N GLN A 261 45.24 -17.71 12.86
CA GLN A 261 44.12 -17.80 13.79
C GLN A 261 43.71 -16.44 14.37
N VAL A 262 44.46 -15.40 14.00
CA VAL A 262 44.19 -14.04 14.48
C VAL A 262 43.32 -13.26 13.50
N TYR A 263 42.22 -12.70 14.01
CA TYR A 263 41.30 -11.93 13.18
C TYR A 263 41.00 -10.56 13.78
N THR A 264 41.15 -9.53 12.97
CA THR A 264 40.86 -8.16 13.40
C THR A 264 40.03 -7.50 12.29
N PRO A 265 38.80 -8.02 12.08
CA PRO A 265 37.92 -7.49 11.05
C PRO A 265 37.36 -6.11 11.41
N PRO A 266 37.15 -5.24 10.41
CA PRO A 266 36.60 -3.92 10.71
C PRO A 266 35.20 -4.10 11.27
N GLN A 267 34.84 -3.29 12.26
CA GLN A 267 33.53 -3.39 12.86
C GLN A 267 32.66 -2.17 12.55
N LEU A 268 31.40 -2.23 12.96
CA LEU A 268 30.42 -1.19 12.70
C LEU A 268 30.56 0.02 13.62
N GLY A 269 31.70 0.70 13.54
CA GLY A 269 31.91 1.86 14.38
C GLY A 269 33.03 2.73 13.86
N THR A 270 32.92 4.03 14.10
CA THR A 270 33.93 4.98 13.64
C THR A 270 34.31 5.96 14.75
N TYR A 271 35.62 6.14 14.93
CA TYR A 271 36.15 7.08 15.91
C TYR A 271 36.39 8.32 15.07
N TYR A 272 35.83 9.45 15.49
CA TYR A 272 35.99 10.68 14.73
C TYR A 272 36.08 11.94 15.57
N TYR A 273 36.55 13.01 14.94
CA TYR A 273 36.62 14.31 15.59
C TYR A 273 35.55 15.18 14.94
N ALA A 274 34.79 15.90 15.75
CA ALA A 274 33.75 16.78 15.23
C ALA A 274 34.21 18.22 15.35
N PHE A 275 34.03 18.98 14.27
CA PHE A 275 34.40 20.39 14.26
C PHE A 275 33.15 21.21 14.52
N ASN A 276 33.31 22.42 15.06
CA ASN A 276 32.15 23.26 15.30
C ASN A 276 31.91 24.03 14.01
N THR A 277 30.96 23.57 13.22
CA THR A 277 30.66 24.22 11.94
C THR A 277 29.94 25.54 12.06
N GLN A 278 29.50 25.89 13.26
CA GLN A 278 28.77 27.14 13.47
C GLN A 278 29.50 28.30 14.13
N LYS A 279 30.61 28.01 14.81
CA LYS A 279 31.34 29.08 15.49
C LYS A 279 32.84 28.90 15.49
N GLY A 280 33.56 30.01 15.42
CA GLY A 280 35.01 29.96 15.43
C GLY A 280 35.60 29.66 14.07
N PRO A 281 36.93 29.48 14.00
CA PRO A 281 37.64 29.20 12.75
C PRO A 281 37.09 27.95 12.06
N THR A 282 36.60 27.01 12.85
CA THR A 282 36.07 25.77 12.30
C THR A 282 34.76 25.96 11.52
N ALA A 283 34.22 27.17 11.54
CA ALA A 283 33.00 27.47 10.79
C ALA A 283 33.36 27.56 9.31
N ASP A 284 34.66 27.72 9.05
CA ASP A 284 35.16 27.83 7.68
C ASP A 284 35.53 26.44 7.16
N GLN A 285 34.89 26.05 6.06
CA GLN A 285 35.14 24.75 5.43
C GLN A 285 36.62 24.50 5.15
N ARG A 286 37.33 25.54 4.74
CA ARG A 286 38.75 25.42 4.42
C ARG A 286 39.58 25.03 5.64
N VAL A 287 39.22 25.56 6.80
CA VAL A 287 39.93 25.23 8.03
C VAL A 287 39.68 23.78 8.41
N ARG A 288 38.42 23.36 8.33
CA ARG A 288 38.05 21.99 8.65
C ARG A 288 38.75 21.00 7.73
N LEU A 289 38.76 21.30 6.43
CA LEU A 289 39.40 20.42 5.46
C LEU A 289 40.88 20.28 5.76
N ALA A 290 41.54 21.41 6.00
CA ALA A 290 42.96 21.40 6.30
C ALA A 290 43.28 20.52 7.51
N LEU A 291 42.47 20.64 8.55
CA LEU A 291 42.67 19.84 9.76
C LEU A 291 42.42 18.35 9.50
N SER A 292 41.36 18.04 8.76
CA SER A 292 41.05 16.64 8.46
C SER A 292 42.13 15.98 7.62
N MET A 293 42.63 16.72 6.61
CA MET A 293 43.65 16.20 5.71
C MET A 293 45.01 15.97 6.37
N THR A 294 45.30 16.72 7.43
CA THR A 294 46.59 16.59 8.09
C THR A 294 46.65 15.56 9.22
N ILE A 295 45.53 14.88 9.46
CA ILE A 295 45.53 13.81 10.43
C ILE A 295 46.12 12.69 9.58
N ASP A 296 47.14 12.01 10.07
CA ASP A 296 47.78 10.92 9.34
C ASP A 296 47.13 9.64 9.84
N ARG A 297 46.09 9.20 9.15
CA ARG A 297 45.34 8.02 9.56
C ARG A 297 46.12 6.71 9.57
N ARG A 298 47.05 6.53 8.65
CA ARG A 298 47.83 5.29 8.66
C ARG A 298 48.80 5.29 9.83
N LEU A 299 49.38 6.45 10.15
CA LEU A 299 50.30 6.54 11.28
C LEU A 299 49.52 6.24 12.56
N MET A 300 48.29 6.75 12.62
CA MET A 300 47.44 6.55 13.78
C MET A 300 47.13 5.07 14.00
N THR A 301 46.67 4.39 12.96
CA THR A 301 46.32 2.98 13.09
C THR A 301 47.50 2.03 13.17
N GLU A 302 48.58 2.34 12.47
CA GLU A 302 49.76 1.48 12.46
C GLU A 302 50.70 1.68 13.65
N LYS A 303 50.93 2.92 14.04
CA LYS A 303 51.84 3.21 15.15
C LYS A 303 51.19 3.53 16.50
N VAL A 304 50.22 4.44 16.51
CA VAL A 304 49.57 4.80 17.76
C VAL A 304 48.71 3.67 18.32
N LEU A 305 47.83 3.11 17.49
CA LEU A 305 46.98 2.02 17.92
C LEU A 305 47.73 0.71 17.74
N GLY A 306 48.03 0.37 16.50
CA GLY A 306 48.76 -0.85 16.19
C GLY A 306 48.07 -2.13 16.58
N THR A 307 46.74 -2.11 16.58
CA THR A 307 45.97 -3.29 16.95
C THR A 307 45.03 -3.82 15.86
N GLY A 308 45.27 -3.42 14.62
CA GLY A 308 44.45 -3.91 13.52
C GLY A 308 43.44 -2.95 12.94
N GLU A 309 43.17 -1.85 13.64
CA GLU A 309 42.20 -0.87 13.16
C GLU A 309 42.57 -0.34 11.78
N LYS A 310 41.55 -0.02 10.99
CA LYS A 310 41.77 0.50 9.64
C LYS A 310 41.44 1.99 9.56
N PRO A 311 42.18 2.73 8.73
CA PRO A 311 41.92 4.16 8.58
C PRO A 311 40.48 4.39 8.14
N ALA A 312 39.88 5.48 8.58
CA ALA A 312 38.50 5.79 8.20
C ALA A 312 38.52 6.88 7.14
N TRP A 313 38.34 6.48 5.88
CA TRP A 313 38.33 7.43 4.76
C TRP A 313 36.90 7.89 4.47
N HIS A 314 35.95 7.27 5.16
CA HIS A 314 34.52 7.59 5.05
C HIS A 314 33.99 7.58 6.48
N PHE A 315 32.84 8.20 6.71
CA PHE A 315 32.26 8.17 8.04
C PHE A 315 31.64 6.79 8.27
N THR A 316 30.99 6.27 7.24
CA THR A 316 30.37 4.95 7.32
C THR A 316 31.46 3.89 7.12
N PRO A 317 31.53 2.90 8.03
CA PRO A 317 32.56 1.86 7.87
C PRO A 317 32.38 1.21 6.50
N ASP A 318 33.47 1.00 5.77
CA ASP A 318 33.39 0.42 4.44
C ASP A 318 32.75 -0.96 4.36
N VAL A 319 32.77 -1.70 5.46
CA VAL A 319 32.18 -3.03 5.49
C VAL A 319 30.69 -3.06 5.82
N THR A 320 30.09 -1.89 6.02
CA THR A 320 28.67 -1.82 6.34
C THR A 320 27.84 -2.45 5.22
N ALA A 321 26.80 -3.18 5.62
CA ALA A 321 25.93 -3.85 4.66
C ALA A 321 25.28 -2.87 3.69
N GLY A 322 25.29 -3.26 2.41
CA GLY A 322 24.69 -2.44 1.37
C GLY A 322 25.47 -1.18 1.03
N PHE A 323 26.70 -1.10 1.52
CA PHE A 323 27.53 0.08 1.26
C PHE A 323 28.73 -0.29 0.38
N THR A 324 28.79 0.26 -0.82
CA THR A 324 29.93 0.04 -1.72
C THR A 324 30.41 1.43 -2.04
N PRO A 325 31.31 1.95 -1.26
CA PRO A 325 31.86 3.27 -1.40
C PRO A 325 32.75 3.56 -2.52
N GLU A 326 32.56 4.76 -3.02
CA GLU A 326 33.50 5.27 -3.95
C GLU A 326 34.71 5.69 -3.10
N PRO A 327 35.88 5.41 -3.60
CA PRO A 327 37.12 5.74 -2.92
C PRO A 327 37.32 7.19 -2.74
N SER A 328 37.89 7.44 -1.59
CA SER A 328 38.19 8.78 -1.24
C SER A 328 39.43 9.18 -1.97
N PRO A 329 39.44 10.40 -2.53
CA PRO A 329 40.62 10.87 -3.25
C PRO A 329 41.82 11.05 -2.33
N PHE A 330 41.58 11.08 -1.03
CA PHE A 330 42.69 11.28 -0.11
C PHE A 330 43.45 10.01 0.21
N GLU A 331 42.78 8.88 0.07
CA GLU A 331 43.40 7.59 0.37
C GLU A 331 44.65 7.28 -0.45
N GLN A 332 44.65 7.67 -1.72
CA GLN A 332 45.78 7.40 -2.61
C GLN A 332 46.90 8.43 -2.57
N MET A 333 46.70 9.51 -1.80
CA MET A 333 47.71 10.56 -1.72
C MET A 333 48.75 10.37 -0.63
N SER A 334 49.95 10.88 -0.88
CA SER A 334 51.01 10.79 0.11
C SER A 334 50.66 11.85 1.16
N GLN A 335 51.06 11.62 2.40
CA GLN A 335 50.76 12.58 3.45
C GLN A 335 51.36 13.95 3.15
N GLU A 336 52.53 13.96 2.51
CA GLU A 336 53.19 15.21 2.16
C GLU A 336 52.35 16.06 1.21
N ASP A 337 51.62 15.41 0.31
CA ASP A 337 50.78 16.16 -0.62
C ASP A 337 49.55 16.68 0.11
N LEU A 338 49.00 15.87 1.01
CA LEU A 338 47.86 16.30 1.79
C LEU A 338 48.26 17.51 2.64
N ASN A 339 49.46 17.45 3.21
CA ASN A 339 49.96 18.54 4.05
C ASN A 339 50.07 19.82 3.24
N ALA A 340 50.62 19.72 2.03
CA ALA A 340 50.78 20.88 1.17
C ALA A 340 49.43 21.49 0.79
N GLN A 341 48.47 20.64 0.42
CA GLN A 341 47.15 21.14 0.05
C GLN A 341 46.47 21.79 1.25
N ALA A 342 46.67 21.20 2.42
CA ALA A 342 46.06 21.70 3.65
C ALA A 342 46.60 23.08 4.00
N LYS A 343 47.91 23.26 3.83
CA LYS A 343 48.52 24.55 4.14
C LYS A 343 47.96 25.62 3.21
N THR A 344 47.75 25.27 1.95
CA THR A 344 47.20 26.21 0.98
C THR A 344 45.79 26.62 1.39
N LEU A 345 45.00 25.64 1.83
CA LEU A 345 43.63 25.91 2.26
C LEU A 345 43.62 26.84 3.46
N LEU A 346 44.48 26.56 4.43
CA LEU A 346 44.56 27.37 5.64
C LEU A 346 44.94 28.82 5.30
N SER A 347 45.90 28.97 4.40
CA SER A 347 46.35 30.30 3.98
C SER A 347 45.20 31.04 3.31
N ALA A 348 44.50 30.34 2.40
CA ALA A 348 43.38 30.95 1.71
C ALA A 348 42.33 31.39 2.73
N ALA A 349 42.25 30.66 3.83
CA ALA A 349 41.30 30.96 4.89
C ALA A 349 41.68 32.24 5.63
N GLY A 350 42.91 32.71 5.41
CA GLY A 350 43.37 33.93 6.04
C GLY A 350 44.15 33.73 7.32
N TYR A 351 44.63 32.51 7.55
CA TYR A 351 45.39 32.21 8.75
C TYR A 351 46.88 32.11 8.47
N GLY A 352 47.68 32.50 9.46
CA GLY A 352 49.12 32.47 9.32
C GLY A 352 49.80 33.32 10.37
N PRO A 353 51.01 33.83 10.10
CA PRO A 353 51.75 34.67 11.05
C PRO A 353 50.96 35.87 11.56
N GLN A 354 50.29 36.56 10.65
CA GLN A 354 49.50 37.74 11.01
C GLN A 354 48.20 37.37 11.73
N LYS A 355 47.75 36.14 11.52
CA LYS A 355 46.51 35.66 12.14
C LYS A 355 46.61 34.16 12.35
N PRO A 356 47.34 33.74 13.41
CA PRO A 356 47.52 32.32 13.73
C PRO A 356 46.23 31.59 14.05
N LEU A 357 46.15 30.33 13.66
CA LEU A 357 44.98 29.50 13.93
C LEU A 357 45.09 29.03 15.36
N LYS A 358 44.16 29.46 16.21
CA LYS A 358 44.15 29.08 17.62
C LYS A 358 42.93 28.25 17.97
N LEU A 359 43.15 26.94 18.15
CA LEU A 359 42.06 26.04 18.47
C LEU A 359 42.40 25.12 19.63
N THR A 360 41.37 24.54 20.23
CA THR A 360 41.54 23.62 21.33
C THR A 360 40.80 22.32 21.01
N LEU A 361 41.47 21.21 21.26
CA LEU A 361 40.90 19.88 21.04
C LEU A 361 40.41 19.37 22.40
N LEU A 362 39.11 19.10 22.47
CA LEU A 362 38.48 18.64 23.71
C LEU A 362 38.14 17.15 23.73
N TYR A 363 38.33 16.53 24.91
CA TYR A 363 38.01 15.13 25.10
C TYR A 363 37.75 14.91 26.58
N ASN A 364 37.03 13.85 26.92
CA ASN A 364 36.75 13.55 28.32
C ASN A 364 37.96 12.84 28.88
N THR A 365 38.26 13.09 30.16
CA THR A 365 39.39 12.47 30.82
C THR A 365 39.38 10.96 30.52
N SER A 366 40.43 10.50 29.87
CA SER A 366 40.55 9.11 29.48
C SER A 366 41.94 8.83 28.96
N GLU A 367 42.51 7.69 29.35
CA GLU A 367 43.84 7.33 28.89
C GLU A 367 43.83 7.11 27.38
N ASN A 368 42.77 6.50 26.87
CA ASN A 368 42.65 6.22 25.44
C ASN A 368 42.48 7.50 24.62
N HIS A 369 41.53 8.35 25.00
CA HIS A 369 41.33 9.57 24.26
C HIS A 369 42.51 10.51 24.36
N GLN A 370 43.22 10.50 25.49
CA GLN A 370 44.38 11.38 25.63
C GLN A 370 45.47 10.95 24.64
N LYS A 371 45.68 9.64 24.53
CA LYS A 371 46.70 9.11 23.63
C LYS A 371 46.44 9.54 22.19
N ILE A 372 45.19 9.40 21.76
CA ILE A 372 44.81 9.77 20.40
C ILE A 372 44.93 11.29 20.20
N ALA A 373 44.47 12.06 21.19
CA ALA A 373 44.52 13.52 21.10
C ALA A 373 45.96 14.03 21.01
N ILE A 374 46.85 13.48 21.82
CA ILE A 374 48.25 13.88 21.79
C ILE A 374 48.84 13.58 20.41
N ALA A 375 48.50 12.41 19.87
CA ALA A 375 49.00 12.02 18.56
C ALA A 375 48.48 12.96 17.45
N VAL A 376 47.20 13.29 17.51
CA VAL A 376 46.62 14.17 16.49
C VAL A 376 47.17 15.59 16.59
N ALA A 377 47.31 16.10 17.81
CA ALA A 377 47.84 17.44 17.99
C ALA A 377 49.26 17.50 17.44
N SER A 378 50.01 16.42 17.60
CA SER A 378 51.38 16.36 17.11
C SER A 378 51.38 16.41 15.58
N MET A 379 50.41 15.73 14.99
CA MET A 379 50.29 15.70 13.54
C MET A 379 49.96 17.10 13.02
N TRP A 380 49.07 17.80 13.71
CA TRP A 380 48.71 19.14 13.27
C TRP A 380 49.88 20.11 13.39
N LYS A 381 50.70 19.93 14.43
CA LYS A 381 51.87 20.78 14.61
C LYS A 381 52.89 20.53 13.51
N LYS A 382 53.20 19.26 13.27
CA LYS A 382 54.20 18.89 12.25
C LYS A 382 53.73 18.97 10.81
N ASN A 383 52.48 18.59 10.55
CA ASN A 383 51.95 18.59 9.18
C ASN A 383 51.30 19.89 8.72
N LEU A 384 50.63 20.59 9.64
CA LEU A 384 49.95 21.83 9.28
C LEU A 384 50.61 23.07 9.85
N GLY A 385 51.51 22.89 10.81
CA GLY A 385 52.20 24.01 11.42
C GLY A 385 51.35 24.82 12.37
N VAL A 386 50.34 24.18 12.94
CA VAL A 386 49.45 24.86 13.88
C VAL A 386 49.55 24.23 15.26
N ASP A 387 49.45 25.07 16.28
CA ASP A 387 49.53 24.61 17.66
C ASP A 387 48.12 24.52 18.24
N VAL A 388 47.60 23.30 18.33
CA VAL A 388 46.27 23.07 18.88
C VAL A 388 46.39 22.61 20.32
N LYS A 389 45.84 23.40 21.23
CA LYS A 389 45.88 23.08 22.65
C LYS A 389 44.95 21.91 22.98
N LEU A 390 45.28 21.18 24.03
CA LEU A 390 44.45 20.06 24.45
C LEU A 390 43.72 20.41 25.73
N GLN A 391 42.50 19.91 25.84
CA GLN A 391 41.67 20.16 27.01
C GLN A 391 40.89 18.93 27.38
N ASN A 392 41.08 18.45 28.61
CA ASN A 392 40.36 17.28 29.07
C ASN A 392 39.35 17.77 30.10
N GLN A 393 38.13 17.23 30.04
CA GLN A 393 37.09 17.61 30.99
C GLN A 393 36.45 16.38 31.57
N GLU A 394 35.92 16.52 32.78
CA GLU A 394 35.24 15.42 33.44
C GLU A 394 34.04 15.07 32.57
N TRP A 395 33.64 13.81 32.59
CA TRP A 395 32.52 13.34 31.78
C TRP A 395 31.34 14.30 31.70
N LYS A 396 30.76 14.64 32.84
CA LYS A 396 29.62 15.55 32.87
C LYS A 396 29.88 16.85 32.12
N THR A 397 31.06 17.44 32.35
CA THR A 397 31.42 18.68 31.70
C THR A 397 31.64 18.47 30.20
N TYR A 398 32.25 17.35 29.85
CA TYR A 398 32.50 17.00 28.45
C TYR A 398 31.17 16.89 27.69
N ILE A 399 30.21 16.19 28.29
CA ILE A 399 28.90 16.02 27.66
C ILE A 399 28.23 17.37 27.45
N ASP A 400 28.32 18.25 28.44
CA ASP A 400 27.71 19.56 28.35
C ASP A 400 28.33 20.36 27.20
N SER A 401 29.64 20.32 27.08
CA SER A 401 30.34 21.03 26.02
C SER A 401 29.93 20.48 24.67
N ARG A 402 29.81 19.15 24.59
CA ARG A 402 29.43 18.47 23.36
C ARG A 402 28.05 18.89 22.86
N ASN A 403 27.06 18.80 23.75
CA ASN A 403 25.69 19.16 23.40
C ASN A 403 25.46 20.64 23.12
N THR A 404 26.12 21.50 23.89
CA THR A 404 25.95 22.94 23.73
C THR A 404 26.85 23.58 22.67
N GLY A 405 27.75 22.78 22.09
CA GLY A 405 28.64 23.31 21.07
C GLY A 405 29.77 24.16 21.62
N ASN A 406 30.10 23.96 22.89
CA ASN A 406 31.17 24.73 23.52
C ASN A 406 32.51 24.04 23.25
N PHE A 407 32.96 24.13 22.01
CA PHE A 407 34.22 23.51 21.60
C PHE A 407 34.61 23.94 20.19
N ASP A 408 35.87 23.66 19.83
CA ASP A 408 36.37 23.93 18.48
C ASP A 408 36.38 22.57 17.79
N VAL A 409 37.09 21.63 18.41
CA VAL A 409 37.19 20.26 17.92
C VAL A 409 36.93 19.38 19.13
N ILE A 410 36.17 18.31 18.96
CA ILE A 410 35.85 17.42 20.07
C ILE A 410 35.86 15.96 19.65
N ARG A 411 36.36 15.08 20.52
CA ARG A 411 36.40 13.67 20.20
C ARG A 411 34.97 13.13 20.22
N ALA A 412 34.68 12.20 19.32
CA ALA A 412 33.35 11.61 19.22
C ALA A 412 33.45 10.19 18.69
N SER A 413 32.32 9.49 18.71
CA SER A 413 32.28 8.12 18.24
C SER A 413 30.87 7.71 17.91
N TRP A 414 30.75 6.77 16.99
CA TRP A 414 29.45 6.21 16.66
C TRP A 414 29.60 4.74 16.35
N VAL A 415 28.78 3.95 17.02
CA VAL A 415 28.73 2.52 16.80
C VAL A 415 27.33 2.36 16.23
N GLY A 416 27.23 1.78 15.04
CA GLY A 416 25.93 1.62 14.41
C GLY A 416 24.90 0.88 15.25
N ASP A 417 23.66 1.35 15.20
CA ASP A 417 22.60 0.69 15.95
C ASP A 417 22.09 -0.51 15.16
N TYR A 418 22.39 -0.51 13.87
CA TYR A 418 22.01 -1.58 12.95
C TYR A 418 22.96 -1.53 11.77
N ASN A 419 23.08 -2.63 11.05
CA ASN A 419 24.02 -2.72 9.93
C ASN A 419 23.49 -2.21 8.59
N GLU A 420 23.46 -0.89 8.44
CA GLU A 420 23.01 -0.23 7.22
C GLU A 420 23.53 1.21 7.36
N PRO A 421 24.04 1.80 6.26
CA PRO A 421 24.59 3.17 6.28
C PRO A 421 23.81 4.29 6.95
N SER A 422 22.49 4.25 6.88
CA SER A 422 21.69 5.31 7.48
C SER A 422 21.97 5.57 8.96
N THR A 423 22.37 4.54 9.70
CA THR A 423 22.63 4.73 11.12
C THR A 423 23.75 5.76 11.32
N PHE A 424 24.69 5.82 10.37
CA PHE A 424 25.77 6.79 10.44
C PHE A 424 25.42 8.09 9.75
N LEU A 425 24.99 7.99 8.50
CA LEU A 425 24.71 9.16 7.71
C LEU A 425 23.57 10.07 8.14
N THR A 426 22.59 9.54 8.86
CA THR A 426 21.50 10.39 9.31
C THR A 426 21.99 11.34 10.41
N LEU A 427 23.07 10.98 11.08
CA LEU A 427 23.63 11.79 12.16
C LEU A 427 24.03 13.20 11.73
N LEU A 428 24.37 13.36 10.46
CA LEU A 428 24.80 14.66 9.96
C LEU A 428 23.69 15.50 9.34
N THR A 429 22.45 15.01 9.36
CA THR A 429 21.36 15.83 8.81
C THR A 429 21.21 16.97 9.81
N SER A 430 20.88 18.16 9.30
CA SER A 430 20.79 19.36 10.12
C SER A 430 20.04 19.29 11.46
N THR A 431 18.91 18.60 11.51
CA THR A 431 18.13 18.55 12.74
C THR A 431 18.29 17.30 13.59
N HIS A 432 19.21 16.42 13.24
CA HIS A 432 19.37 15.20 14.01
C HIS A 432 19.92 15.50 15.41
N SER A 433 19.36 14.81 16.41
CA SER A 433 19.78 15.01 17.79
C SER A 433 21.24 14.67 18.02
N GLY A 434 21.80 13.80 17.18
CA GLY A 434 23.19 13.41 17.33
C GLY A 434 24.18 14.14 16.44
N ASN A 435 23.76 15.25 15.86
CA ASN A 435 24.61 16.05 14.98
C ASN A 435 25.51 16.96 15.81
N ILE A 436 26.57 16.39 16.36
CA ILE A 436 27.52 17.11 17.20
C ILE A 436 28.16 18.32 16.54
N SER A 437 28.57 18.17 15.28
CA SER A 437 29.22 19.26 14.57
C SER A 437 28.27 20.39 14.19
N ARG A 438 26.97 20.16 14.37
CA ARG A 438 25.95 21.14 14.05
C ARG A 438 25.90 21.47 12.56
N PHE A 439 26.32 20.51 11.74
CA PHE A 439 26.33 20.65 10.28
C PHE A 439 24.93 21.02 9.82
N ASN A 440 24.82 22.07 9.03
CA ASN A 440 23.52 22.51 8.51
C ASN A 440 23.69 22.72 7.00
N ASN A 441 23.58 21.63 6.25
CA ASN A 441 23.77 21.64 4.81
C ASN A 441 22.54 21.11 4.06
N PRO A 442 21.79 22.01 3.40
CA PRO A 442 20.60 21.60 2.66
C PRO A 442 20.85 20.51 1.62
N ALA A 443 21.99 20.57 0.94
CA ALA A 443 22.31 19.58 -0.07
C ALA A 443 22.45 18.20 0.58
N TYR A 444 23.04 18.15 1.76
CA TYR A 444 23.22 16.89 2.47
C TYR A 444 21.85 16.36 2.92
N ASP A 445 21.03 17.23 3.50
CA ASP A 445 19.71 16.83 3.96
C ASP A 445 18.92 16.25 2.79
N LYS A 446 19.04 16.88 1.63
CA LYS A 446 18.34 16.44 0.42
C LYS A 446 18.71 15.00 0.04
N VAL A 447 19.99 14.69 0.08
CA VAL A 447 20.46 13.35 -0.27
C VAL A 447 19.94 12.31 0.73
N LEU A 448 19.98 12.63 2.02
CA LEU A 448 19.49 11.67 3.01
C LEU A 448 17.98 11.48 2.90
N ALA A 449 17.27 12.54 2.56
CA ALA A 449 15.82 12.43 2.41
C ALA A 449 15.57 11.50 1.23
N GLN A 450 16.40 11.63 0.19
CA GLN A 450 16.29 10.77 -1.00
C GLN A 450 16.44 9.30 -0.61
N ALA A 451 17.47 9.00 0.19
CA ALA A 451 17.71 7.62 0.61
C ALA A 451 16.50 6.99 1.27
N SER A 452 15.75 7.79 2.02
CA SER A 452 14.56 7.28 2.70
C SER A 452 13.43 6.96 1.72
N THR A 453 13.64 7.24 0.44
CA THR A 453 12.62 6.97 -0.58
C THR A 453 13.00 5.81 -1.50
N GLU A 454 14.25 5.37 -1.43
CA GLU A 454 14.72 4.27 -2.28
C GLU A 454 14.46 2.91 -1.65
N ASN A 455 13.74 2.06 -2.38
CA ASN A 455 13.43 0.72 -1.89
C ASN A 455 14.57 -0.26 -2.08
N THR A 456 15.38 -0.04 -3.13
CA THR A 456 16.50 -0.93 -3.41
C THR A 456 17.80 -0.50 -2.74
N VAL A 457 18.64 -1.48 -2.41
CA VAL A 457 19.91 -1.21 -1.78
C VAL A 457 20.85 -0.51 -2.75
N LYS A 458 20.77 -0.89 -4.03
CA LYS A 458 21.62 -0.31 -5.06
C LYS A 458 21.40 1.19 -5.20
N ALA A 459 20.13 1.60 -5.24
CA ALA A 459 19.81 3.01 -5.36
C ALA A 459 20.20 3.80 -4.11
N ARG A 460 19.96 3.21 -2.94
CA ARG A 460 20.31 3.89 -1.70
C ARG A 460 21.81 4.08 -1.62
N ASN A 461 22.57 3.12 -2.14
CA ASN A 461 24.03 3.21 -2.10
C ASN A 461 24.51 4.45 -2.84
N ALA A 462 23.82 4.82 -3.92
CA ALA A 462 24.20 6.01 -4.69
C ALA A 462 24.01 7.25 -3.82
N ASP A 463 22.92 7.28 -3.07
CA ASP A 463 22.67 8.42 -2.18
C ASP A 463 23.69 8.46 -1.06
N TYR A 464 24.00 7.31 -0.48
CA TYR A 464 24.98 7.25 0.60
C TYR A 464 26.35 7.72 0.12
N ASN A 465 26.72 7.33 -1.10
CA ASN A 465 28.01 7.75 -1.64
C ASN A 465 28.00 9.26 -1.88
N ALA A 466 26.86 9.80 -2.32
CA ALA A 466 26.75 11.23 -2.53
C ALA A 466 26.89 11.94 -1.18
N ALA A 467 26.31 11.34 -0.14
CA ALA A 467 26.37 11.91 1.20
C ALA A 467 27.82 11.94 1.69
N GLU A 468 28.53 10.83 1.52
CA GLU A 468 29.92 10.73 1.94
C GLU A 468 30.79 11.74 1.18
N LYS A 469 30.46 11.98 -0.09
CA LYS A 469 31.24 12.95 -0.86
C LYS A 469 31.11 14.32 -0.24
N ILE A 470 29.88 14.68 0.16
CA ILE A 470 29.65 15.97 0.80
C ILE A 470 30.41 16.06 2.11
N LEU A 471 30.43 14.98 2.89
CA LEU A 471 31.14 14.99 4.17
C LEU A 471 32.64 15.13 3.96
N MET A 472 33.14 14.56 2.86
CA MET A 472 34.55 14.65 2.53
C MET A 472 34.91 16.07 2.10
N GLU A 473 34.05 16.67 1.28
CA GLU A 473 34.26 18.02 0.77
C GLU A 473 34.08 19.11 1.82
N GLN A 474 33.03 18.99 2.64
CA GLN A 474 32.72 19.98 3.66
C GLN A 474 33.40 19.73 5.01
N ALA A 475 33.85 18.50 5.23
CA ALA A 475 34.53 18.11 6.46
C ALA A 475 33.93 18.63 7.78
N PRO A 476 32.62 18.43 7.99
CA PRO A 476 32.05 18.91 9.26
C PRO A 476 32.62 18.06 10.40
N ILE A 477 33.05 16.85 10.03
CA ILE A 477 33.66 15.91 10.95
C ILE A 477 34.88 15.30 10.27
N ALA A 478 35.79 14.75 11.07
CA ALA A 478 36.99 14.12 10.54
C ALA A 478 37.08 12.69 11.05
N PRO A 479 36.61 11.72 10.25
CA PRO A 479 36.70 10.32 10.67
C PRO A 479 38.17 9.99 10.81
N ILE A 480 38.54 9.20 11.81
CA ILE A 480 39.94 8.84 12.00
C ILE A 480 40.17 7.36 11.73
N TYR A 481 39.49 6.49 12.47
CA TYR A 481 39.67 5.07 12.25
C TYR A 481 38.39 4.28 12.51
N GLN A 482 38.36 3.06 11.96
CA GLN A 482 37.23 2.16 12.13
C GLN A 482 37.59 1.18 13.24
N TYR A 483 36.64 0.91 14.13
CA TYR A 483 36.90 -0.01 15.23
C TYR A 483 37.08 -1.44 14.75
N THR A 484 37.63 -2.26 15.64
CA THR A 484 37.82 -3.67 15.34
C THR A 484 37.52 -4.45 16.61
N ASN A 485 37.24 -5.73 16.44
CA ASN A 485 36.93 -6.60 17.57
C ASN A 485 37.73 -7.89 17.36
N GLY A 486 38.97 -7.86 17.82
CA GLY A 486 39.85 -9.01 17.66
C GLY A 486 39.31 -10.32 18.20
N ARG A 487 39.60 -11.39 17.47
CA ARG A 487 39.16 -12.72 17.86
C ARG A 487 40.19 -13.76 17.44
N LEU A 488 40.22 -14.87 18.16
CA LEU A 488 41.10 -15.98 17.83
C LEU A 488 40.12 -17.09 17.49
N ILE A 489 40.33 -17.74 16.35
CA ILE A 489 39.46 -18.81 15.90
C ILE A 489 40.29 -20.02 15.51
N LYS A 490 40.02 -21.18 16.12
CA LYS A 490 40.79 -22.39 15.80
C LYS A 490 40.63 -22.76 14.33
N PRO A 491 41.68 -23.35 13.73
CA PRO A 491 41.65 -23.75 12.32
C PRO A 491 40.55 -24.73 11.95
N TRP A 492 40.07 -25.49 12.94
CA TRP A 492 39.02 -26.47 12.69
C TRP A 492 37.60 -25.93 12.79
N LEU A 493 37.46 -24.70 13.28
CA LEU A 493 36.14 -24.10 13.41
C LEU A 493 35.78 -23.31 12.16
N LYS A 494 34.77 -23.78 11.44
CA LYS A 494 34.34 -23.11 10.22
C LYS A 494 32.93 -22.56 10.38
N GLY A 495 32.58 -21.60 9.54
CA GLY A 495 31.25 -21.04 9.59
C GLY A 495 31.05 -19.83 10.48
N TYR A 496 32.07 -19.41 11.20
CA TYR A 496 31.90 -18.22 12.04
C TYR A 496 31.92 -17.02 11.11
N PRO A 497 30.92 -16.13 11.22
CA PRO A 497 30.82 -14.94 10.38
C PRO A 497 31.76 -13.83 10.84
N ILE A 498 33.06 -14.11 10.81
CA ILE A 498 34.04 -13.15 11.27
C ILE A 498 34.00 -11.80 10.56
N ASN A 499 33.57 -11.77 9.30
CA ASN A 499 33.51 -10.50 8.57
C ASN A 499 32.26 -9.67 8.82
N ASN A 500 31.31 -10.19 9.60
CA ASN A 500 30.11 -9.41 9.89
C ASN A 500 30.56 -8.28 10.82
N PRO A 501 30.41 -7.02 10.38
CA PRO A 501 30.82 -5.87 11.18
C PRO A 501 30.12 -5.65 12.52
N GLU A 502 28.95 -6.26 12.69
CA GLU A 502 28.21 -6.13 13.94
C GLU A 502 28.49 -7.36 14.81
N ASP A 503 29.34 -8.24 14.30
CA ASP A 503 29.71 -9.49 14.96
C ASP A 503 28.48 -10.28 15.41
N VAL A 504 27.48 -10.32 14.54
CA VAL A 504 26.25 -11.06 14.78
C VAL A 504 26.50 -12.48 14.29
N ALA A 505 26.44 -13.44 15.21
CA ALA A 505 26.70 -14.82 14.87
C ALA A 505 25.67 -15.78 15.46
N TYR A 506 25.51 -16.92 14.79
CA TYR A 506 24.57 -17.94 15.22
C TYR A 506 25.28 -19.29 15.12
N SER A 507 25.27 -20.06 16.21
CA SER A 507 25.94 -21.35 16.20
C SER A 507 25.46 -22.29 15.10
N ARG A 508 24.23 -22.08 14.61
CA ARG A 508 23.67 -22.92 13.55
C ARG A 508 24.46 -22.89 12.24
N THR A 509 25.32 -21.89 12.05
CA THR A 509 26.09 -21.79 10.81
C THR A 509 27.48 -22.42 10.93
N MET A 510 27.83 -22.82 12.14
CA MET A 510 29.16 -23.36 12.38
C MET A 510 29.28 -24.88 12.36
N TYR A 511 30.50 -25.35 12.15
CA TYR A 511 30.79 -26.77 12.10
C TYR A 511 32.28 -27.01 12.31
N ILE A 512 32.62 -28.20 12.78
CA ILE A 512 34.01 -28.56 13.04
C ILE A 512 34.52 -29.51 11.98
N VAL A 513 35.63 -29.16 11.34
CA VAL A 513 36.20 -30.03 10.32
C VAL A 513 37.29 -30.88 10.98
N LYS A 514 37.52 -32.08 10.45
CA LYS A 514 38.54 -32.95 11.00
C LYS A 514 39.88 -32.24 10.86
N HIS A 515 40.63 -32.17 11.97
CA HIS A 515 41.93 -31.50 11.95
C HIS A 515 42.95 -32.37 12.68
N PRO B 4 -6.17 22.48 -16.31
CA PRO B 4 -4.73 22.77 -16.54
C PRO B 4 -4.31 24.11 -15.95
N SER B 5 -3.01 24.34 -15.89
CA SER B 5 -2.48 25.59 -15.37
C SER B 5 -2.96 26.73 -16.25
N GLY B 6 -3.03 27.93 -15.68
CA GLY B 6 -3.46 29.09 -16.44
C GLY B 6 -4.88 29.07 -16.97
N THR B 7 -5.77 28.34 -16.29
CA THR B 7 -7.16 28.27 -16.71
C THR B 7 -7.98 29.38 -16.02
N VAL B 8 -8.87 30.00 -16.77
CA VAL B 8 -9.71 31.07 -16.24
C VAL B 8 -11.17 30.88 -16.64
N LEU B 9 -12.08 31.42 -15.83
CA LEU B 9 -13.51 31.30 -16.11
C LEU B 9 -13.88 32.19 -17.29
N ALA B 10 -14.59 31.63 -18.26
CA ALA B 10 -14.99 32.37 -19.46
C ALA B 10 -16.09 33.38 -19.15
N GLU B 11 -16.16 34.45 -19.93
CA GLU B 11 -17.17 35.48 -19.73
C GLU B 11 -18.52 35.02 -20.29
N LYS B 12 -18.48 34.31 -21.40
CA LYS B 12 -19.69 33.80 -22.04
C LYS B 12 -19.95 32.36 -21.58
N GLN B 13 -20.94 32.20 -20.70
CA GLN B 13 -21.28 30.89 -20.18
C GLN B 13 -22.44 30.24 -20.90
N GLU B 14 -22.18 29.76 -22.12
CA GLU B 14 -23.19 29.10 -22.94
C GLU B 14 -22.63 27.78 -23.44
N LEU B 15 -23.49 26.79 -23.58
CA LEU B 15 -23.08 25.47 -23.99
C LEU B 15 -23.97 24.86 -25.07
N VAL B 16 -23.36 24.11 -25.97
CA VAL B 16 -24.09 23.42 -27.03
C VAL B 16 -23.84 21.93 -26.80
N ARG B 17 -24.91 21.22 -26.42
CA ARG B 17 -24.84 19.79 -26.14
C ARG B 17 -25.55 18.94 -27.20
N HIS B 18 -24.86 17.91 -27.66
CA HIS B 18 -25.43 17.00 -28.64
C HIS B 18 -26.31 15.95 -27.94
N ILE B 19 -27.44 15.63 -28.56
CA ILE B 19 -28.31 14.56 -28.07
C ILE B 19 -28.56 13.68 -29.28
N LYS B 20 -28.66 12.37 -29.06
CA LYS B 20 -28.82 11.41 -30.15
C LYS B 20 -30.08 11.45 -31.01
N ASP B 21 -31.10 12.17 -30.58
CA ASP B 21 -32.32 12.24 -31.37
C ASP B 21 -33.27 13.33 -30.89
N GLU B 22 -34.29 13.61 -31.69
CA GLU B 22 -35.30 14.59 -31.36
C GLU B 22 -36.06 14.06 -30.15
N PRO B 23 -36.17 14.87 -29.08
CA PRO B 23 -36.89 14.42 -27.89
C PRO B 23 -38.36 14.15 -28.21
N ALA B 24 -38.89 13.05 -27.68
CA ALA B 24 -40.28 12.68 -27.91
C ALA B 24 -41.24 13.41 -26.98
N SER B 25 -41.03 13.24 -25.67
CA SER B 25 -41.86 13.90 -24.67
C SER B 25 -41.00 14.42 -23.54
N LEU B 26 -41.24 15.66 -23.12
CA LEU B 26 -40.50 16.24 -22.01
C LEU B 26 -41.25 16.03 -20.70
N ASP B 27 -42.30 15.21 -20.77
CA ASP B 27 -43.10 14.85 -19.60
C ASP B 27 -42.35 13.68 -18.94
N PRO B 28 -41.89 13.85 -17.69
CA PRO B 28 -41.17 12.75 -17.02
C PRO B 28 -41.86 11.40 -17.09
N ALA B 29 -43.20 11.41 -17.03
CA ALA B 29 -43.98 10.17 -17.05
C ALA B 29 -44.25 9.61 -18.44
N LYS B 30 -43.84 10.33 -19.48
CA LYS B 30 -44.05 9.84 -20.84
C LYS B 30 -42.76 9.70 -21.62
N ALA B 31 -41.65 10.15 -21.04
CA ALA B 31 -40.34 10.05 -21.68
C ALA B 31 -40.01 8.58 -21.95
N VAL B 32 -39.38 8.33 -23.11
CA VAL B 32 -39.02 6.97 -23.50
C VAL B 32 -37.51 6.74 -23.59
N GLY B 33 -36.80 7.72 -24.15
CA GLY B 33 -35.36 7.54 -24.32
C GLY B 33 -34.47 8.62 -23.72
N LEU B 34 -33.16 8.37 -23.82
CA LEU B 34 -32.15 9.28 -23.27
C LEU B 34 -32.18 10.73 -23.75
N PRO B 35 -32.48 10.98 -25.03
CA PRO B 35 -32.50 12.38 -25.47
C PRO B 35 -33.41 13.26 -24.61
N GLU B 36 -34.67 12.84 -24.45
CA GLU B 36 -35.58 13.64 -23.64
C GLU B 36 -35.23 13.57 -22.15
N ILE B 37 -34.76 12.41 -21.70
CA ILE B 37 -34.38 12.25 -20.30
C ILE B 37 -33.29 13.24 -19.91
N GLN B 38 -32.30 13.42 -20.78
CA GLN B 38 -31.22 14.35 -20.51
C GLN B 38 -31.74 15.78 -20.36
N VAL B 39 -32.68 16.16 -21.20
CA VAL B 39 -33.26 17.50 -21.12
C VAL B 39 -34.09 17.60 -19.83
N ILE B 40 -34.86 16.55 -19.56
CA ILE B 40 -35.70 16.50 -18.37
C ILE B 40 -34.90 16.70 -17.08
N ARG B 41 -33.67 16.19 -17.03
CA ARG B 41 -32.84 16.34 -15.85
C ARG B 41 -32.46 17.80 -15.59
N ASP B 42 -32.57 18.64 -16.61
CA ASP B 42 -32.28 20.07 -16.45
C ASP B 42 -33.54 20.84 -16.10
N LEU B 43 -34.68 20.38 -16.59
CA LEU B 43 -35.96 21.06 -16.36
C LEU B 43 -36.70 20.68 -15.08
N PHE B 44 -36.41 19.50 -14.56
CA PHE B 44 -37.07 18.99 -13.36
C PHE B 44 -36.04 18.48 -12.36
N GLU B 45 -36.47 18.25 -11.13
CA GLU B 45 -35.58 17.72 -10.10
C GLU B 45 -36.35 16.82 -9.15
N GLY B 46 -35.79 15.66 -8.86
CA GLY B 46 -36.46 14.73 -7.96
C GLY B 46 -36.14 14.98 -6.50
N LEU B 47 -36.54 14.05 -5.64
CA LEU B 47 -36.28 14.18 -4.22
C LEU B 47 -34.78 14.29 -3.98
N VAL B 48 -33.99 13.52 -4.74
CA VAL B 48 -32.54 13.54 -4.61
C VAL B 48 -31.87 13.54 -5.97
N ASN B 49 -30.59 13.88 -5.99
CA ASN B 49 -29.79 13.89 -7.21
C ASN B 49 -28.64 12.91 -6.99
N GLN B 50 -27.91 12.63 -8.07
CA GLN B 50 -26.73 11.76 -7.99
C GLN B 50 -25.54 12.69 -8.18
N ASN B 51 -24.44 12.44 -7.49
CA ASN B 51 -23.25 13.26 -7.73
C ASN B 51 -22.48 12.45 -8.77
N GLU B 52 -21.29 12.87 -9.16
CA GLU B 52 -20.55 12.13 -10.17
C GLU B 52 -20.25 10.69 -9.76
N LYS B 53 -20.01 10.49 -8.46
CA LYS B 53 -19.71 9.15 -7.92
C LYS B 53 -20.95 8.28 -7.78
N GLY B 54 -22.10 8.78 -8.23
CA GLY B 54 -23.33 8.01 -8.13
C GLY B 54 -23.94 8.06 -6.74
N GLU B 55 -23.27 8.79 -5.83
CA GLU B 55 -23.75 8.92 -4.47
C GLU B 55 -24.99 9.82 -4.44
N ILE B 56 -25.85 9.60 -3.46
CA ILE B 56 -27.07 10.38 -3.33
C ILE B 56 -26.86 11.68 -2.58
N VAL B 57 -27.31 12.78 -3.18
CA VAL B 57 -27.19 14.10 -2.58
C VAL B 57 -28.56 14.76 -2.62
N PRO B 58 -28.79 15.77 -1.76
CA PRO B 58 -30.09 16.44 -1.73
C PRO B 58 -30.59 17.07 -3.02
N GLY B 59 -31.90 16.96 -3.24
CA GLY B 59 -32.55 17.54 -4.39
C GLY B 59 -33.65 18.35 -3.75
N VAL B 60 -34.91 17.99 -3.99
CA VAL B 60 -36.00 18.70 -3.35
C VAL B 60 -35.99 18.32 -1.86
N ALA B 61 -35.58 17.09 -1.58
CA ALA B 61 -35.50 16.60 -0.20
C ALA B 61 -34.14 16.90 0.41
N THR B 62 -34.15 17.29 1.67
CA THR B 62 -32.93 17.59 2.41
C THR B 62 -32.58 16.45 3.35
N GLN B 63 -33.56 15.58 3.59
CA GLN B 63 -33.38 14.45 4.49
C GLN B 63 -34.29 13.29 4.12
N TRP B 64 -33.79 12.08 4.35
CA TRP B 64 -34.55 10.87 4.09
C TRP B 64 -34.16 9.89 5.17
N LYS B 65 -35.17 9.25 5.77
CA LYS B 65 -34.91 8.31 6.83
C LYS B 65 -35.85 7.12 6.78
N SER B 66 -35.32 5.97 7.19
CA SER B 66 -36.08 4.73 7.25
C SER B 66 -35.38 3.85 8.27
N ASN B 67 -36.11 3.51 9.33
CA ASN B 67 -35.55 2.67 10.38
C ASN B 67 -35.64 1.19 10.03
N ASP B 68 -36.57 0.86 9.14
CA ASP B 68 -36.79 -0.53 8.74
C ASP B 68 -36.65 -0.82 7.24
N ASN B 69 -36.29 0.22 6.47
CA ASN B 69 -36.12 0.10 5.03
C ASN B 69 -37.45 -0.09 4.29
N ARG B 70 -38.56 -0.10 5.03
CA ARG B 70 -39.88 -0.30 4.44
C ARG B 70 -40.70 0.99 4.38
N ILE B 71 -40.65 1.76 5.46
CA ILE B 71 -41.36 3.03 5.52
C ILE B 71 -40.32 4.13 5.44
N TRP B 72 -40.43 4.97 4.42
CA TRP B 72 -39.49 6.06 4.20
C TRP B 72 -40.13 7.43 4.41
N THR B 73 -39.40 8.29 5.10
CA THR B 73 -39.88 9.65 5.35
C THR B 73 -38.90 10.63 4.76
N PHE B 74 -39.36 11.44 3.81
CA PHE B 74 -38.53 12.45 3.18
C PHE B 74 -38.96 13.83 3.64
N THR B 75 -37.98 14.65 4.01
CA THR B 75 -38.27 16.01 4.43
C THR B 75 -37.85 16.91 3.27
N LEU B 76 -38.78 17.77 2.84
CA LEU B 76 -38.53 18.67 1.72
C LEU B 76 -38.06 20.03 2.20
N ARG B 77 -37.16 20.65 1.43
CA ARG B 77 -36.62 21.97 1.78
C ARG B 77 -37.74 23.05 1.68
N ASP B 78 -37.71 24.08 2.54
CA ASP B 78 -38.70 25.21 2.61
C ASP B 78 -38.78 26.04 1.33
N ASN B 79 -37.73 25.97 0.49
CA ASN B 79 -37.63 26.86 -0.67
C ASN B 79 -37.46 26.27 -2.04
N ALA B 80 -37.85 24.99 -2.11
CA ALA B 80 -37.95 24.34 -3.40
C ALA B 80 -39.12 25.03 -4.16
N LYS B 81 -38.84 25.45 -5.38
CA LYS B 81 -39.85 26.13 -6.18
C LYS B 81 -39.92 25.72 -7.63
N TRP B 82 -41.11 25.89 -8.19
CA TRP B 82 -41.38 25.63 -9.59
C TRP B 82 -40.84 26.85 -10.33
N ALA B 83 -40.69 26.74 -11.64
CA ALA B 83 -40.16 27.84 -12.44
C ALA B 83 -40.99 29.13 -12.40
N ASP B 84 -42.24 29.03 -11.95
CA ASP B 84 -43.10 30.22 -11.86
C ASP B 84 -43.07 30.82 -10.46
N GLY B 85 -42.20 30.29 -9.60
CA GLY B 85 -42.07 30.83 -8.25
C GLY B 85 -42.93 30.19 -7.18
N THR B 86 -43.84 29.31 -7.57
CA THR B 86 -44.70 28.65 -6.60
C THR B 86 -43.95 27.52 -5.89
N PRO B 87 -44.34 27.19 -4.67
CA PRO B 87 -43.65 26.13 -3.93
C PRO B 87 -43.88 24.70 -4.39
N VAL B 88 -42.84 23.88 -4.25
CA VAL B 88 -42.92 22.47 -4.55
C VAL B 88 -43.22 21.86 -3.18
N THR B 89 -44.30 21.09 -3.08
CA THR B 89 -44.69 20.49 -1.82
C THR B 89 -44.84 18.98 -1.92
N ALA B 90 -45.04 18.34 -0.78
CA ALA B 90 -45.20 16.89 -0.74
C ALA B 90 -46.38 16.47 -1.62
N GLN B 91 -47.43 17.28 -1.65
CA GLN B 91 -48.60 16.96 -2.46
C GLN B 91 -48.24 16.87 -3.94
N ASP B 92 -47.27 17.66 -4.39
CA ASP B 92 -46.87 17.59 -5.81
C ASP B 92 -46.34 16.19 -6.12
N PHE B 93 -45.63 15.60 -5.17
CA PHE B 93 -45.09 14.25 -5.37
C PHE B 93 -46.18 13.19 -5.31
N VAL B 94 -47.16 13.37 -4.44
CA VAL B 94 -48.26 12.42 -4.35
C VAL B 94 -48.97 12.43 -5.71
N TYR B 95 -49.28 13.63 -6.19
CA TYR B 95 -49.94 13.80 -7.47
C TYR B 95 -49.14 13.17 -8.61
N SER B 96 -47.84 13.46 -8.63
CA SER B 96 -46.96 12.96 -9.68
C SER B 96 -46.74 11.46 -9.72
N TRP B 97 -46.53 10.85 -8.56
CA TRP B 97 -46.31 9.42 -8.50
C TRP B 97 -47.60 8.66 -8.79
N GLN B 98 -48.74 9.19 -8.35
CA GLN B 98 -50.01 8.53 -8.65
C GLN B 98 -50.19 8.58 -10.17
N ARG B 99 -49.85 9.73 -10.77
CA ARG B 99 -49.94 9.92 -12.21
C ARG B 99 -49.02 8.96 -12.97
N LEU B 100 -47.84 8.69 -12.40
CA LEU B 100 -46.89 7.79 -13.03
C LEU B 100 -47.47 6.38 -13.24
N VAL B 101 -48.16 5.87 -12.22
CA VAL B 101 -48.74 4.53 -12.31
C VAL B 101 -50.17 4.47 -12.86
N ASP B 102 -50.83 5.63 -12.91
CA ASP B 102 -52.21 5.72 -13.41
C ASP B 102 -52.25 5.14 -14.84
N PRO B 103 -53.12 4.14 -15.09
CA PRO B 103 -53.20 3.57 -16.44
C PRO B 103 -53.44 4.61 -17.53
N LYS B 104 -54.13 5.69 -17.19
CA LYS B 104 -54.43 6.73 -18.18
C LYS B 104 -53.20 7.42 -18.73
N THR B 105 -52.11 7.44 -17.96
CA THR B 105 -50.88 8.09 -18.38
C THR B 105 -50.07 7.29 -19.38
N LEU B 106 -50.30 5.98 -19.43
CA LEU B 106 -49.58 5.11 -20.35
C LEU B 106 -48.07 5.35 -20.26
N SER B 107 -47.56 5.45 -19.03
CA SER B 107 -46.15 5.70 -18.86
C SER B 107 -45.26 4.53 -19.23
N PRO B 108 -44.24 4.78 -20.06
CA PRO B 108 -43.34 3.70 -20.45
C PRO B 108 -42.48 3.25 -19.28
N PHE B 109 -42.50 4.02 -18.18
CA PHE B 109 -41.71 3.65 -17.02
C PHE B 109 -42.52 3.46 -15.75
N ALA B 110 -43.82 3.22 -15.90
CA ALA B 110 -44.67 2.99 -14.74
C ALA B 110 -44.12 1.81 -13.96
N TRP B 111 -43.56 0.84 -14.69
CA TRP B 111 -43.00 -0.36 -14.09
C TRP B 111 -41.91 -0.06 -13.07
N PHE B 112 -41.24 1.08 -13.20
CA PHE B 112 -40.18 1.43 -12.27
C PHE B 112 -40.72 1.61 -10.85
N ALA B 113 -41.97 2.04 -10.74
CA ALA B 113 -42.60 2.23 -9.43
C ALA B 113 -42.78 0.88 -8.71
N ALA B 114 -43.01 -0.18 -9.48
CA ALA B 114 -43.18 -1.51 -8.92
C ALA B 114 -41.79 -2.06 -8.54
N LEU B 115 -40.79 -1.76 -9.36
CA LEU B 115 -39.43 -2.18 -9.08
C LEU B 115 -38.99 -1.53 -7.77
N ALA B 116 -39.45 -0.30 -7.56
CA ALA B 116 -39.12 0.45 -6.35
C ALA B 116 -39.95 0.02 -5.14
N GLY B 117 -40.86 -0.92 -5.35
CA GLY B 117 -41.66 -1.45 -4.26
C GLY B 117 -42.71 -0.55 -3.64
N ILE B 118 -43.03 0.58 -4.26
CA ILE B 118 -44.03 1.46 -3.69
C ILE B 118 -45.34 0.69 -3.63
N ASN B 119 -45.92 0.64 -2.44
CA ASN B 119 -47.13 -0.14 -2.23
C ASN B 119 -48.25 0.08 -3.24
N ASN B 120 -48.71 -1.05 -3.78
CA ASN B 120 -49.80 -1.11 -4.75
C ASN B 120 -49.50 -0.58 -6.15
N ALA B 121 -48.24 -0.30 -6.44
CA ALA B 121 -47.89 0.22 -7.76
C ALA B 121 -48.41 -0.66 -8.91
N GLN B 122 -48.10 -1.95 -8.87
CA GLN B 122 -48.53 -2.83 -9.95
C GLN B 122 -50.04 -2.95 -10.02
N ALA B 123 -50.70 -2.96 -8.86
CA ALA B 123 -52.15 -3.06 -8.82
C ALA B 123 -52.78 -1.89 -9.57
N ILE B 124 -52.17 -0.72 -9.42
CA ILE B 124 -52.69 0.47 -10.07
C ILE B 124 -52.40 0.40 -11.57
N ILE B 125 -51.17 0.00 -11.92
CA ILE B 125 -50.79 -0.13 -13.32
C ILE B 125 -51.76 -1.09 -14.02
N ASP B 126 -52.11 -2.18 -13.34
CA ASP B 126 -53.01 -3.19 -13.88
C ASP B 126 -54.48 -2.81 -13.88
N GLY B 127 -54.79 -1.63 -13.32
CA GLY B 127 -56.16 -1.15 -13.28
C GLY B 127 -57.02 -1.80 -12.21
N LYS B 128 -56.40 -2.55 -11.30
CA LYS B 128 -57.12 -3.24 -10.24
C LYS B 128 -57.41 -2.36 -9.03
N ALA B 129 -56.59 -1.33 -8.84
CA ALA B 129 -56.76 -0.40 -7.72
C ALA B 129 -56.66 1.02 -8.24
N THR B 130 -57.38 1.94 -7.60
CA THR B 130 -57.32 3.34 -8.02
C THR B 130 -55.99 3.94 -7.58
N PRO B 131 -55.50 4.98 -8.29
CA PRO B 131 -54.23 5.62 -7.95
C PRO B 131 -54.05 6.09 -6.50
N ASP B 132 -55.14 6.45 -5.84
CA ASP B 132 -55.06 6.92 -4.46
C ASP B 132 -54.57 5.84 -3.51
N GLN B 133 -54.53 4.60 -3.98
CA GLN B 133 -54.07 3.48 -3.16
C GLN B 133 -52.55 3.35 -3.15
N LEU B 134 -51.86 4.18 -3.93
CA LEU B 134 -50.40 4.13 -3.96
C LEU B 134 -49.84 4.49 -2.59
N GLY B 135 -48.78 3.78 -2.20
CA GLY B 135 -48.16 4.02 -0.90
C GLY B 135 -47.33 5.28 -0.75
N VAL B 136 -47.93 6.43 -1.03
CA VAL B 136 -47.24 7.71 -0.87
C VAL B 136 -48.22 8.69 -0.26
N THR B 137 -47.78 9.36 0.80
CA THR B 137 -48.65 10.29 1.52
C THR B 137 -47.97 11.60 1.86
N ALA B 138 -48.74 12.69 1.78
CA ALA B 138 -48.24 14.01 2.12
C ALA B 138 -48.67 14.24 3.57
N VAL B 139 -47.75 14.00 4.50
CA VAL B 139 -48.05 14.19 5.93
C VAL B 139 -48.33 15.68 6.16
N ASP B 140 -47.50 16.52 5.56
CA ASP B 140 -47.68 17.97 5.59
C ASP B 140 -46.94 18.49 4.36
N ALA B 141 -46.93 19.79 4.15
CA ALA B 141 -46.30 20.36 2.97
C ALA B 141 -44.85 19.98 2.75
N HIS B 142 -44.10 19.70 3.81
CA HIS B 142 -42.69 19.36 3.67
C HIS B 142 -42.34 17.95 4.11
N THR B 143 -43.34 17.09 4.24
CA THR B 143 -43.09 15.72 4.69
C THR B 143 -43.80 14.69 3.81
N LEU B 144 -42.99 13.86 3.15
CA LEU B 144 -43.51 12.82 2.26
C LEU B 144 -43.22 11.45 2.87
N LYS B 145 -44.27 10.69 3.13
CA LYS B 145 -44.13 9.36 3.74
C LYS B 145 -44.44 8.30 2.68
N ILE B 146 -43.55 7.34 2.55
CA ILE B 146 -43.68 6.30 1.54
C ILE B 146 -43.68 4.90 2.16
N GLN B 147 -44.65 4.10 1.75
CA GLN B 147 -44.78 2.73 2.23
C GLN B 147 -44.40 1.76 1.11
N LEU B 148 -43.41 0.92 1.36
CA LEU B 148 -42.98 -0.06 0.36
C LEU B 148 -43.57 -1.43 0.71
N ASP B 149 -43.59 -2.33 -0.27
CA ASP B 149 -44.14 -3.67 -0.06
C ASP B 149 -43.06 -4.69 0.29
N LYS B 150 -41.85 -4.21 0.56
CA LYS B 150 -40.72 -5.05 0.92
C LYS B 150 -39.62 -4.13 1.43
N PRO B 151 -38.62 -4.68 2.13
CA PRO B 151 -37.53 -3.84 2.63
C PRO B 151 -36.66 -3.47 1.43
N LEU B 152 -36.36 -2.18 1.27
CA LEU B 152 -35.55 -1.74 0.15
C LEU B 152 -34.61 -0.64 0.62
N PRO B 153 -33.44 -1.01 1.14
CA PRO B 153 -32.45 -0.04 1.64
C PRO B 153 -32.01 0.98 0.59
N TRP B 154 -32.06 0.57 -0.68
CA TRP B 154 -31.65 1.42 -1.78
C TRP B 154 -32.80 2.22 -2.39
N PHE B 155 -33.96 2.26 -1.72
CA PHE B 155 -35.08 3.00 -2.26
C PHE B 155 -34.73 4.46 -2.57
N VAL B 156 -34.01 5.12 -1.67
CA VAL B 156 -33.66 6.52 -1.91
C VAL B 156 -32.89 6.68 -3.22
N ASN B 157 -32.01 5.74 -3.54
CA ASN B 157 -31.24 5.84 -4.78
C ASN B 157 -32.18 5.88 -5.98
N LEU B 158 -33.30 5.17 -5.88
CA LEU B 158 -34.27 5.10 -6.96
C LEU B 158 -35.00 6.42 -7.19
N THR B 159 -35.12 7.25 -6.16
CA THR B 159 -35.83 8.51 -6.31
C THR B 159 -35.09 9.55 -7.15
N ALA B 160 -33.86 9.22 -7.55
CA ALA B 160 -33.09 10.11 -8.40
C ALA B 160 -33.50 9.86 -9.87
N ASN B 161 -34.30 8.80 -10.07
CA ASN B 161 -34.77 8.45 -11.41
C ASN B 161 -35.81 9.44 -11.91
N PHE B 162 -35.69 9.85 -13.18
CA PHE B 162 -36.58 10.83 -13.79
C PHE B 162 -38.07 10.48 -13.69
N ALA B 163 -38.40 9.19 -13.67
CA ALA B 163 -39.80 8.80 -13.58
C ALA B 163 -40.45 9.30 -12.31
N PHE B 164 -39.63 9.55 -11.28
CA PHE B 164 -40.13 10.02 -9.99
C PHE B 164 -40.03 11.54 -9.83
N PHE B 165 -39.75 12.24 -10.93
CA PHE B 165 -39.68 13.69 -10.88
C PHE B 165 -41.10 14.22 -10.75
N PRO B 166 -41.27 15.35 -10.05
CA PRO B 166 -42.60 15.94 -9.88
C PRO B 166 -43.02 16.80 -11.07
N VAL B 167 -44.32 16.89 -11.30
CA VAL B 167 -44.85 17.75 -12.35
C VAL B 167 -45.91 18.60 -11.64
N GLN B 168 -46.18 19.77 -12.19
CA GLN B 168 -47.12 20.70 -11.58
C GLN B 168 -48.54 20.48 -12.10
N LYS B 169 -49.43 20.07 -11.21
CA LYS B 169 -50.82 19.79 -11.59
C LYS B 169 -51.48 20.85 -12.47
N ALA B 170 -51.42 22.12 -12.05
CA ALA B 170 -52.02 23.19 -12.85
C ALA B 170 -51.48 23.25 -14.27
N ASN B 171 -50.17 23.06 -14.40
CA ASN B 171 -49.50 23.09 -15.70
C ASN B 171 -49.97 21.91 -16.56
N VAL B 172 -49.84 20.70 -16.02
CA VAL B 172 -50.24 19.50 -16.74
C VAL B 172 -51.69 19.52 -17.19
N GLU B 173 -52.58 19.94 -16.29
CA GLU B 173 -54.00 19.95 -16.63
C GLU B 173 -54.46 21.04 -17.58
N SER B 174 -53.52 21.88 -18.04
CA SER B 174 -53.87 22.92 -19.00
C SER B 174 -54.08 22.29 -20.38
N GLY B 175 -53.56 21.09 -20.58
CA GLY B 175 -53.74 20.45 -21.87
C GLY B 175 -52.48 20.04 -22.60
N LYS B 176 -52.67 19.61 -23.86
CA LYS B 176 -51.57 19.13 -24.69
C LYS B 176 -50.41 20.07 -24.97
N GLU B 177 -50.59 21.37 -24.78
CA GLU B 177 -49.51 22.32 -25.04
C GLU B 177 -48.67 22.61 -23.80
N TRP B 178 -48.94 21.90 -22.71
CA TRP B 178 -48.22 22.18 -21.47
C TRP B 178 -46.70 22.04 -21.50
N THR B 179 -46.18 21.21 -22.39
CA THR B 179 -44.73 21.01 -22.46
C THR B 179 -44.02 21.89 -23.50
N LYS B 180 -44.77 22.79 -24.14
CA LYS B 180 -44.19 23.68 -25.14
C LYS B 180 -43.29 24.72 -24.50
N PRO B 181 -42.33 25.27 -25.27
CA PRO B 181 -41.45 26.28 -24.69
C PRO B 181 -42.28 27.46 -24.21
N GLY B 182 -41.94 27.96 -23.03
CA GLY B 182 -42.69 29.06 -22.46
C GLY B 182 -43.89 28.59 -21.66
N ASN B 183 -44.21 27.30 -21.77
CA ASN B 183 -45.36 26.72 -21.06
C ASN B 183 -44.95 25.70 -19.99
N LEU B 184 -43.86 24.98 -20.25
CA LEU B 184 -43.41 23.95 -19.34
C LEU B 184 -42.85 24.53 -18.05
N ILE B 185 -43.53 24.23 -16.95
CA ILE B 185 -43.11 24.72 -15.63
C ILE B 185 -42.53 23.58 -14.82
N GLY B 186 -41.20 23.46 -14.83
CA GLY B 186 -40.54 22.44 -14.06
C GLY B 186 -39.89 23.03 -12.82
N ASN B 187 -39.24 22.18 -12.03
CA ASN B 187 -38.59 22.64 -10.80
C ASN B 187 -37.08 22.41 -10.84
N GLY B 188 -36.55 22.18 -12.03
CA GLY B 188 -35.12 21.96 -12.17
C GLY B 188 -34.33 23.27 -12.22
N ALA B 189 -33.04 23.17 -12.52
CA ALA B 189 -32.19 24.36 -12.57
C ALA B 189 -32.43 25.22 -13.79
N TYR B 190 -33.08 24.67 -14.81
CA TYR B 190 -33.36 25.38 -16.05
C TYR B 190 -34.82 25.38 -16.43
N VAL B 191 -35.16 26.20 -17.43
CA VAL B 191 -36.51 26.33 -17.94
C VAL B 191 -36.45 26.31 -19.46
N LEU B 192 -37.42 25.68 -20.11
CA LEU B 192 -37.45 25.59 -21.56
C LEU B 192 -37.88 26.91 -22.16
N LYS B 193 -36.97 27.53 -22.93
CA LYS B 193 -37.25 28.84 -23.52
C LYS B 193 -37.60 28.81 -25.00
N GLU B 194 -36.90 27.98 -25.76
CA GLU B 194 -37.15 27.91 -27.20
C GLU B 194 -37.03 26.49 -27.70
N ARG B 195 -37.74 26.19 -28.78
CA ARG B 195 -37.65 24.87 -29.36
C ARG B 195 -38.11 24.87 -30.81
N VAL B 196 -37.30 24.25 -31.65
CA VAL B 196 -37.61 24.11 -33.07
C VAL B 196 -37.52 22.60 -33.32
N VAL B 197 -38.66 21.99 -33.62
CA VAL B 197 -38.70 20.55 -33.86
C VAL B 197 -37.63 20.07 -34.83
N ASN B 198 -36.90 19.04 -34.44
CA ASN B 198 -35.85 18.46 -35.26
C ASN B 198 -34.66 19.39 -35.49
N GLU B 199 -34.58 20.46 -34.71
CA GLU B 199 -33.49 21.41 -34.85
C GLU B 199 -32.75 21.70 -33.55
N LYS B 200 -33.46 22.21 -32.56
CA LYS B 200 -32.82 22.53 -31.28
C LYS B 200 -33.79 22.79 -30.14
N LEU B 201 -33.27 22.72 -28.92
CA LEU B 201 -34.01 23.02 -27.71
C LEU B 201 -33.09 23.93 -26.91
N VAL B 202 -33.62 25.07 -26.46
CA VAL B 202 -32.83 26.01 -25.70
C VAL B 202 -33.39 26.20 -24.31
N VAL B 203 -32.54 26.06 -23.30
CA VAL B 203 -32.96 26.24 -21.92
C VAL B 203 -32.08 27.30 -21.26
N VAL B 204 -32.67 28.03 -20.31
CA VAL B 204 -31.96 29.06 -19.57
C VAL B 204 -32.27 28.82 -18.09
N PRO B 205 -31.49 29.42 -17.18
CA PRO B 205 -31.75 29.18 -15.76
C PRO B 205 -33.13 29.50 -15.21
N ASN B 206 -33.60 28.62 -14.33
CA ASN B 206 -34.85 28.81 -13.62
C ASN B 206 -34.29 29.52 -12.38
N THR B 207 -34.42 30.84 -12.32
CA THR B 207 -33.84 31.56 -11.19
C THR B 207 -34.48 31.29 -9.83
N HIS B 208 -35.62 30.60 -9.84
CA HIS B 208 -36.30 30.23 -8.59
C HIS B 208 -35.72 28.92 -8.04
N TYR B 209 -34.90 28.25 -8.86
CA TYR B 209 -34.29 27.00 -8.41
C TYR B 209 -33.56 27.26 -7.10
N TRP B 210 -33.80 26.42 -6.10
CA TRP B 210 -33.19 26.62 -4.79
C TRP B 210 -31.68 26.79 -4.80
N ASP B 211 -31.01 26.14 -5.73
CA ASP B 211 -29.54 26.22 -5.80
C ASP B 211 -29.06 27.06 -6.97
N ASN B 212 -29.89 27.99 -7.42
CA ASN B 212 -29.55 28.85 -8.55
C ASN B 212 -28.25 29.64 -8.36
N ALA B 213 -27.89 29.95 -7.11
CA ALA B 213 -26.67 30.72 -6.86
C ALA B 213 -25.44 29.99 -7.39
N LYS B 214 -25.53 28.67 -7.50
CA LYS B 214 -24.40 27.88 -7.99
C LYS B 214 -24.46 27.55 -9.49
N THR B 215 -25.57 27.88 -10.13
CA THR B 215 -25.72 27.62 -11.57
C THR B 215 -24.89 28.62 -12.36
N VAL B 216 -24.01 28.12 -13.22
CA VAL B 216 -23.13 28.98 -14.01
C VAL B 216 -23.58 29.18 -15.45
N LEU B 217 -23.87 28.09 -16.17
CA LEU B 217 -24.29 28.21 -17.56
C LEU B 217 -25.61 28.95 -17.67
N GLN B 218 -25.61 30.01 -18.49
CA GLN B 218 -26.80 30.83 -18.67
C GLN B 218 -27.65 30.42 -19.87
N LYS B 219 -27.11 29.52 -20.69
CA LYS B 219 -27.84 29.03 -21.84
C LYS B 219 -27.27 27.69 -22.25
N VAL B 220 -28.15 26.72 -22.45
CA VAL B 220 -27.75 25.41 -22.91
C VAL B 220 -28.62 25.07 -24.10
N THR B 221 -27.97 24.77 -25.22
CA THR B 221 -28.67 24.42 -26.44
C THR B 221 -28.44 22.95 -26.73
N PHE B 222 -29.53 22.20 -26.86
CA PHE B 222 -29.47 20.78 -27.17
C PHE B 222 -29.70 20.62 -28.65
N LEU B 223 -28.77 19.96 -29.34
CA LEU B 223 -28.89 19.75 -30.77
C LEU B 223 -29.08 18.28 -31.10
N PRO B 224 -30.28 17.91 -31.58
CA PRO B 224 -30.52 16.51 -31.92
C PRO B 224 -29.85 16.16 -33.25
N ILE B 225 -28.94 15.19 -33.21
CA ILE B 225 -28.23 14.73 -34.41
C ILE B 225 -28.20 13.21 -34.30
N ASN B 226 -29.04 12.53 -35.07
CA ASN B 226 -29.13 11.08 -35.01
C ASN B 226 -28.07 10.31 -35.78
N GLN B 227 -27.17 11.02 -36.45
CA GLN B 227 -26.09 10.38 -37.19
C GLN B 227 -24.79 10.60 -36.44
N GLU B 228 -24.25 9.52 -35.89
CA GLU B 228 -23.01 9.55 -35.11
C GLU B 228 -21.88 10.24 -35.89
N SER B 229 -21.78 9.90 -37.17
CA SER B 229 -20.76 10.48 -38.03
C SER B 229 -20.89 12.00 -38.11
N ALA B 230 -22.11 12.47 -38.29
CA ALA B 230 -22.39 13.90 -38.39
C ALA B 230 -22.11 14.64 -37.09
N ALA B 231 -22.51 14.05 -35.96
CA ALA B 231 -22.29 14.67 -34.66
C ALA B 231 -20.80 14.88 -34.41
N THR B 232 -20.01 13.87 -34.75
CA THR B 232 -18.56 13.95 -34.54
C THR B 232 -17.94 15.00 -35.46
N LYS B 233 -18.39 15.07 -36.71
CA LYS B 233 -17.85 16.06 -37.62
C LYS B 233 -18.14 17.48 -37.11
N ARG B 234 -19.37 17.70 -36.66
CA ARG B 234 -19.77 19.01 -36.15
C ARG B 234 -19.03 19.37 -34.87
N TYR B 235 -18.75 18.37 -34.04
CA TYR B 235 -17.99 18.59 -32.81
C TYR B 235 -16.58 19.05 -33.19
N LEU B 236 -15.95 18.29 -34.07
CA LEU B 236 -14.59 18.61 -34.50
C LEU B 236 -14.49 19.94 -35.21
N ALA B 237 -15.58 20.38 -35.83
CA ALA B 237 -15.60 21.66 -36.54
C ALA B 237 -15.77 22.80 -35.53
N GLY B 238 -16.22 22.46 -34.33
CA GLY B 238 -16.43 23.45 -33.30
C GLY B 238 -17.84 23.96 -33.16
N ASP B 239 -18.81 23.18 -33.61
CA ASP B 239 -20.22 23.57 -33.53
C ASP B 239 -20.91 22.95 -32.32
N ILE B 240 -20.25 21.97 -31.71
CA ILE B 240 -20.80 21.30 -30.53
C ILE B 240 -19.69 21.18 -29.49
N ASP B 241 -20.05 21.30 -28.22
CA ASP B 241 -19.06 21.23 -27.13
C ASP B 241 -18.93 19.85 -26.49
N ILE B 242 -19.90 18.98 -26.74
CA ILE B 242 -19.86 17.65 -26.17
C ILE B 242 -20.76 16.73 -26.99
N THR B 243 -20.30 15.51 -27.24
CA THR B 243 -21.07 14.55 -28.01
C THR B 243 -21.58 13.43 -27.11
N GLU B 244 -22.54 12.66 -27.64
CA GLU B 244 -23.10 11.54 -26.90
C GLU B 244 -22.32 10.26 -27.18
N SER B 245 -21.44 10.31 -28.16
CA SER B 245 -20.64 9.15 -28.52
C SER B 245 -19.66 9.54 -29.63
N PHE B 246 -18.95 8.55 -30.15
CA PHE B 246 -18.03 8.76 -31.25
C PHE B 246 -17.90 7.43 -31.97
N PRO B 247 -17.53 7.46 -33.26
CA PRO B 247 -17.39 6.23 -34.05
C PRO B 247 -16.30 5.33 -33.49
N LYS B 248 -16.63 4.06 -33.25
CA LYS B 248 -15.66 3.12 -32.71
C LYS B 248 -14.42 2.99 -33.58
N ASN B 249 -14.59 3.03 -34.91
CA ASN B 249 -13.45 2.90 -35.81
C ASN B 249 -12.51 4.09 -35.69
N MET B 250 -13.05 5.24 -35.30
CA MET B 250 -12.26 6.46 -35.18
C MET B 250 -11.56 6.60 -33.82
N TYR B 251 -11.78 5.64 -32.92
CA TYR B 251 -11.17 5.71 -31.60
C TYR B 251 -9.67 5.95 -31.57
N GLN B 252 -8.90 5.15 -32.31
CA GLN B 252 -7.45 5.32 -32.31
C GLN B 252 -7.01 6.70 -32.82
N LYS B 253 -7.69 7.20 -33.85
CA LYS B 253 -7.34 8.50 -34.38
C LYS B 253 -7.64 9.60 -33.36
N LEU B 254 -8.81 9.49 -32.72
CA LEU B 254 -9.21 10.48 -31.72
C LEU B 254 -8.25 10.43 -30.53
N LEU B 255 -7.86 9.22 -30.13
CA LEU B 255 -6.95 9.06 -29.01
C LEU B 255 -5.60 9.70 -29.33
N LYS B 256 -5.22 9.66 -30.61
CA LYS B 256 -3.94 10.22 -31.05
C LYS B 256 -4.01 11.74 -31.24
N ASP B 257 -5.10 12.22 -31.83
CA ASP B 257 -5.25 13.65 -32.10
C ASP B 257 -5.69 14.49 -30.89
N ILE B 258 -6.70 14.01 -30.18
CA ILE B 258 -7.23 14.75 -29.04
C ILE B 258 -7.43 13.86 -27.82
N PRO B 259 -6.34 13.32 -27.26
CA PRO B 259 -6.39 12.45 -26.09
C PRO B 259 -7.03 13.06 -24.84
N GLY B 260 -7.05 14.38 -24.78
CA GLY B 260 -7.63 15.05 -23.61
C GLY B 260 -9.11 15.35 -23.77
N GLN B 261 -9.68 14.93 -24.89
CA GLN B 261 -11.11 15.16 -25.16
C GLN B 261 -11.88 13.87 -25.34
N VAL B 262 -11.15 12.75 -25.41
CA VAL B 262 -11.76 11.43 -25.57
C VAL B 262 -11.97 10.76 -24.22
N TYR B 263 -13.21 10.37 -23.93
CA TYR B 263 -13.50 9.72 -22.66
C TYR B 263 -14.21 8.39 -22.85
N THR B 264 -13.73 7.37 -22.14
CA THR B 264 -14.33 6.04 -22.20
C THR B 264 -14.47 5.50 -20.79
N PRO B 265 -15.25 6.19 -19.94
CA PRO B 265 -15.45 5.74 -18.56
C PRO B 265 -16.28 4.48 -18.46
N PRO B 266 -15.97 3.62 -17.47
CA PRO B 266 -16.76 2.40 -17.33
C PRO B 266 -18.20 2.75 -17.00
N GLN B 267 -19.14 2.01 -17.57
CA GLN B 267 -20.56 2.25 -17.34
C GLN B 267 -21.14 1.16 -16.44
N LEU B 268 -22.39 1.35 -16.02
CA LEU B 268 -23.06 0.41 -15.12
C LEU B 268 -23.56 -0.85 -15.83
N GLY B 269 -22.64 -1.64 -16.38
CA GLY B 269 -23.02 -2.85 -17.07
C GLY B 269 -21.90 -3.86 -17.13
N THR B 270 -22.25 -5.13 -17.21
CA THR B 270 -21.27 -6.21 -17.27
C THR B 270 -21.59 -7.21 -18.35
N TYR B 271 -20.59 -7.53 -19.17
CA TYR B 271 -20.74 -8.53 -20.23
C TYR B 271 -20.21 -9.80 -19.58
N TYR B 272 -21.00 -10.86 -19.59
CA TYR B 272 -20.57 -12.10 -18.96
C TYR B 272 -21.03 -13.36 -19.66
N TYR B 273 -20.43 -14.48 -19.29
CA TYR B 273 -20.84 -15.77 -19.83
C TYR B 273 -21.48 -16.51 -18.66
N ALA B 274 -22.64 -17.10 -18.91
CA ALA B 274 -23.32 -17.86 -17.87
C ALA B 274 -23.14 -19.34 -18.15
N PHE B 275 -22.86 -20.11 -17.10
CA PHE B 275 -22.70 -21.55 -17.22
C PHE B 275 -23.98 -22.21 -16.74
N ASN B 276 -24.28 -23.40 -17.23
CA ASN B 276 -25.48 -24.10 -16.77
C ASN B 276 -25.06 -24.85 -15.50
N THR B 277 -25.39 -24.30 -14.34
CA THR B 277 -25.01 -24.93 -13.09
C THR B 277 -25.82 -26.16 -12.71
N GLN B 278 -26.85 -26.46 -13.49
CA GLN B 278 -27.71 -27.60 -13.18
C GLN B 278 -27.58 -28.82 -14.08
N LYS B 279 -26.98 -28.65 -15.26
CA LYS B 279 -26.87 -29.76 -16.19
C LYS B 279 -25.58 -29.74 -17.01
N GLY B 280 -25.04 -30.93 -17.26
CA GLY B 280 -23.81 -31.05 -18.04
C GLY B 280 -22.54 -30.88 -17.23
N PRO B 281 -21.37 -30.89 -17.90
CA PRO B 281 -20.09 -30.73 -17.20
C PRO B 281 -20.04 -29.45 -16.37
N THR B 282 -20.74 -28.42 -16.83
CA THR B 282 -20.76 -27.15 -16.12
C THR B 282 -21.47 -27.20 -14.77
N ALA B 283 -22.06 -28.34 -14.44
CA ALA B 283 -22.75 -28.49 -13.16
C ALA B 283 -21.68 -28.64 -12.08
N ASP B 284 -20.46 -28.94 -12.51
CA ASP B 284 -19.32 -29.11 -11.60
C ASP B 284 -18.59 -27.78 -11.41
N GLN B 285 -18.53 -27.32 -10.17
CA GLN B 285 -17.87 -26.06 -9.82
C GLN B 285 -16.45 -25.98 -10.38
N ARG B 286 -15.74 -27.09 -10.35
CA ARG B 286 -14.37 -27.13 -10.85
C ARG B 286 -14.25 -26.80 -12.32
N VAL B 287 -15.22 -27.28 -13.11
CA VAL B 287 -15.22 -27.02 -14.54
C VAL B 287 -15.49 -25.54 -14.80
N ARG B 288 -16.49 -25.00 -14.10
CA ARG B 288 -16.83 -23.59 -14.25
C ARG B 288 -15.66 -22.69 -13.87
N LEU B 289 -15.00 -23.00 -12.75
CA LEU B 289 -13.85 -22.22 -12.31
C LEU B 289 -12.72 -22.25 -13.33
N ALA B 290 -12.43 -23.44 -13.84
CA ALA B 290 -11.37 -23.60 -14.82
C ALA B 290 -11.63 -22.75 -16.06
N LEU B 291 -12.87 -22.75 -16.52
CA LEU B 291 -13.25 -21.98 -17.70
C LEU B 291 -13.16 -20.47 -17.45
N SER B 292 -13.63 -20.04 -16.29
CA SER B 292 -13.59 -18.62 -15.96
C SER B 292 -12.17 -18.10 -15.81
N MET B 293 -11.32 -18.91 -15.19
CA MET B 293 -9.92 -18.53 -14.95
C MET B 293 -9.07 -18.48 -16.22
N THR B 294 -9.46 -19.21 -17.24
CA THR B 294 -8.68 -19.23 -18.47
C THR B 294 -9.11 -18.22 -19.53
N ILE B 295 -10.09 -17.40 -19.20
CA ILE B 295 -10.49 -16.33 -20.11
C ILE B 295 -9.43 -15.27 -19.78
N ASP B 296 -8.79 -14.71 -20.80
CA ASP B 296 -7.76 -13.68 -20.61
C ASP B 296 -8.47 -12.34 -20.75
N ARG B 297 -8.94 -11.81 -19.63
CA ARG B 297 -9.69 -10.54 -19.64
C ARG B 297 -8.94 -9.32 -20.17
N ARG B 298 -7.65 -9.23 -19.87
CA ARG B 298 -6.88 -8.08 -20.36
C ARG B 298 -6.68 -8.17 -21.87
N LEU B 299 -6.47 -9.39 -22.38
CA LEU B 299 -6.29 -9.56 -23.81
C LEU B 299 -7.61 -9.21 -24.50
N MET B 300 -8.72 -9.59 -23.88
CA MET B 300 -10.03 -9.31 -24.44
C MET B 300 -10.28 -7.81 -24.60
N THR B 301 -10.07 -7.07 -23.52
CA THR B 301 -10.31 -5.63 -23.55
C THR B 301 -9.26 -4.81 -24.32
N GLU B 302 -8.01 -5.19 -24.20
CA GLU B 302 -6.94 -4.47 -24.88
C GLU B 302 -6.82 -4.73 -26.38
N LYS B 303 -6.93 -6.00 -26.77
CA LYS B 303 -6.79 -6.36 -28.19
C LYS B 303 -8.07 -6.65 -28.95
N VAL B 304 -8.92 -7.53 -28.42
CA VAL B 304 -10.15 -7.88 -29.12
C VAL B 304 -11.10 -6.69 -29.21
N LEU B 305 -11.34 -6.02 -28.10
CA LEU B 305 -12.22 -4.85 -28.09
C LEU B 305 -11.39 -3.61 -28.41
N GLY B 306 -10.45 -3.30 -27.52
CA GLY B 306 -9.56 -2.15 -27.72
C GLY B 306 -10.22 -0.78 -27.77
N THR B 307 -11.35 -0.62 -27.10
CA THR B 307 -12.04 0.66 -27.09
C THR B 307 -12.20 1.26 -25.69
N GLY B 308 -11.32 0.87 -24.78
CA GLY B 308 -11.37 1.41 -23.43
C GLY B 308 -12.03 0.56 -22.36
N GLU B 309 -12.64 -0.57 -22.76
CA GLU B 309 -13.29 -1.45 -21.81
C GLU B 309 -12.33 -1.90 -20.72
N LYS B 310 -12.87 -2.14 -19.52
CA LYS B 310 -12.07 -2.60 -18.39
C LYS B 310 -12.43 -4.04 -18.04
N PRO B 311 -11.44 -4.85 -17.65
CA PRO B 311 -11.72 -6.24 -17.29
C PRO B 311 -12.70 -6.29 -16.12
N ALA B 312 -13.55 -7.31 -16.09
CA ALA B 312 -14.52 -7.47 -15.02
C ALA B 312 -14.08 -8.61 -14.11
N TRP B 313 -13.65 -8.27 -12.90
CA TRP B 313 -13.21 -9.27 -11.93
C TRP B 313 -14.29 -9.56 -10.90
N HIS B 314 -15.41 -8.84 -11.02
CA HIS B 314 -16.56 -9.01 -10.16
C HIS B 314 -17.77 -8.91 -11.07
N PHE B 315 -18.92 -9.37 -10.61
CA PHE B 315 -20.13 -9.25 -11.44
C PHE B 315 -20.60 -7.80 -11.39
N THR B 316 -20.55 -7.21 -10.20
CA THR B 316 -20.97 -5.82 -10.03
C THR B 316 -19.85 -4.91 -10.53
N PRO B 317 -20.18 -3.93 -11.39
CA PRO B 317 -19.18 -3.01 -11.90
C PRO B 317 -18.48 -2.33 -10.72
N ASP B 318 -17.16 -2.26 -10.75
CA ASP B 318 -16.41 -1.66 -9.65
C ASP B 318 -16.76 -0.19 -9.39
N VAL B 319 -17.33 0.49 -10.38
CA VAL B 319 -17.68 1.89 -10.20
C VAL B 319 -19.08 2.08 -9.62
N THR B 320 -19.77 0.98 -9.36
CA THR B 320 -21.12 1.07 -8.80
C THR B 320 -21.11 1.83 -7.48
N ALA B 321 -22.10 2.68 -7.29
CA ALA B 321 -22.20 3.49 -6.07
C ALA B 321 -22.35 2.60 -4.84
N GLY B 322 -21.63 2.97 -3.78
CA GLY B 322 -21.67 2.24 -2.53
C GLY B 322 -21.01 0.88 -2.60
N PHE B 323 -20.18 0.68 -3.62
CA PHE B 323 -19.51 -0.60 -3.80
C PHE B 323 -17.99 -0.49 -3.79
N THR B 324 -17.38 -1.02 -2.74
CA THR B 324 -15.92 -1.01 -2.60
C THR B 324 -15.53 -2.47 -2.37
N PRO B 325 -15.52 -3.26 -3.45
CA PRO B 325 -15.18 -4.69 -3.41
C PRO B 325 -13.75 -5.04 -3.02
N GLU B 326 -13.60 -6.21 -2.40
CA GLU B 326 -12.29 -6.69 -2.03
C GLU B 326 -11.73 -7.26 -3.33
N PRO B 327 -10.50 -6.88 -3.69
CA PRO B 327 -9.89 -7.38 -4.93
C PRO B 327 -10.00 -8.89 -5.11
N SER B 328 -10.25 -9.31 -6.35
CA SER B 328 -10.35 -10.73 -6.66
C SER B 328 -8.95 -11.33 -6.65
N PRO B 329 -8.81 -12.56 -6.14
CA PRO B 329 -7.50 -13.19 -6.10
C PRO B 329 -6.94 -13.46 -7.49
N PHE B 330 -7.82 -13.52 -8.48
CA PHE B 330 -7.42 -13.78 -9.86
C PHE B 330 -6.84 -12.57 -10.57
N GLU B 331 -7.21 -11.36 -10.16
CA GLU B 331 -6.70 -10.17 -10.80
C GLU B 331 -5.17 -10.02 -10.70
N GLN B 332 -4.61 -10.37 -9.55
CA GLN B 332 -3.17 -10.24 -9.34
C GLN B 332 -2.34 -11.41 -9.87
N MET B 333 -2.99 -12.50 -10.25
CA MET B 333 -2.30 -13.68 -10.75
C MET B 333 -1.90 -13.61 -12.21
N SER B 334 -0.77 -14.21 -12.55
CA SER B 334 -0.32 -14.25 -13.93
C SER B 334 -1.21 -15.26 -14.65
N GLN B 335 -1.36 -15.12 -15.96
CA GLN B 335 -2.20 -16.06 -16.69
C GLN B 335 -1.60 -17.45 -16.57
N GLU B 336 -0.27 -17.52 -16.48
CA GLU B 336 0.40 -18.81 -16.35
C GLU B 336 -0.11 -19.53 -15.10
N ASP B 337 -0.24 -18.78 -14.01
CA ASP B 337 -0.71 -19.36 -12.76
C ASP B 337 -2.20 -19.73 -12.85
N LEU B 338 -2.98 -18.86 -13.49
CA LEU B 338 -4.40 -19.14 -13.64
C LEU B 338 -4.59 -20.39 -14.49
N ASN B 339 -3.79 -20.51 -15.56
CA ASN B 339 -3.89 -21.66 -16.45
C ASN B 339 -3.52 -22.96 -15.75
N ALA B 340 -2.46 -22.93 -14.95
CA ALA B 340 -2.02 -24.12 -14.24
C ALA B 340 -3.06 -24.56 -13.22
N GLN B 341 -3.64 -23.60 -12.50
CA GLN B 341 -4.66 -23.91 -11.51
C GLN B 341 -5.90 -24.48 -12.20
N ALA B 342 -6.26 -23.88 -13.33
CA ALA B 342 -7.42 -24.30 -14.09
C ALA B 342 -7.25 -25.73 -14.58
N LYS B 343 -6.08 -26.05 -15.14
CA LYS B 343 -5.83 -27.40 -15.63
C LYS B 343 -5.88 -28.42 -14.51
N THR B 344 -5.41 -28.04 -13.33
CA THR B 344 -5.42 -28.95 -12.19
C THR B 344 -6.87 -29.20 -11.75
N LEU B 345 -7.69 -28.16 -11.82
CA LEU B 345 -9.10 -28.29 -11.43
C LEU B 345 -9.84 -29.19 -12.41
N LEU B 346 -9.60 -29.01 -13.70
CA LEU B 346 -10.26 -29.79 -14.73
C LEU B 346 -9.89 -31.27 -14.60
N SER B 347 -8.61 -31.55 -14.35
CA SER B 347 -8.15 -32.92 -14.20
C SER B 347 -8.81 -33.56 -12.98
N ALA B 348 -8.95 -32.77 -11.91
CA ALA B 348 -9.57 -33.26 -10.69
C ALA B 348 -11.04 -33.57 -10.94
N ALA B 349 -11.63 -32.86 -11.90
CA ALA B 349 -13.03 -33.06 -12.25
C ALA B 349 -13.22 -34.35 -13.04
N GLY B 350 -12.11 -35.00 -13.38
CA GLY B 350 -12.18 -36.25 -14.12
C GLY B 350 -12.06 -36.13 -15.62
N TYR B 351 -11.70 -34.95 -16.11
CA TYR B 351 -11.56 -34.74 -17.54
C TYR B 351 -10.11 -34.84 -18.00
N GLY B 352 -9.93 -35.36 -19.21
CA GLY B 352 -8.61 -35.53 -19.77
C GLY B 352 -8.66 -36.25 -21.10
N PRO B 353 -7.52 -36.76 -21.59
CA PRO B 353 -7.46 -37.48 -22.87
C PRO B 353 -8.51 -38.59 -23.02
N GLN B 354 -8.73 -39.34 -21.94
CA GLN B 354 -9.70 -40.44 -21.97
C GLN B 354 -11.14 -39.95 -21.83
N LYS B 355 -11.32 -38.77 -21.26
CA LYS B 355 -12.65 -38.19 -21.07
C LYS B 355 -12.56 -36.69 -21.28
N PRO B 356 -12.46 -36.26 -22.55
CA PRO B 356 -12.37 -34.84 -22.87
C PRO B 356 -13.60 -34.01 -22.50
N LEU B 357 -13.37 -32.75 -22.16
CA LEU B 357 -14.44 -31.83 -21.81
C LEU B 357 -15.08 -31.41 -23.14
N LYS B 358 -16.36 -31.69 -23.30
CA LYS B 358 -17.09 -31.36 -24.51
C LYS B 358 -18.19 -30.35 -24.24
N LEU B 359 -17.96 -29.10 -24.62
CA LEU B 359 -18.93 -28.03 -24.40
C LEU B 359 -19.15 -27.16 -25.62
N THR B 360 -20.27 -26.44 -25.61
CA THR B 360 -20.63 -25.54 -26.69
C THR B 360 -20.89 -24.16 -26.08
N LEU B 361 -20.37 -23.12 -26.74
CA LEU B 361 -20.58 -21.75 -26.31
C LEU B 361 -21.62 -21.16 -27.25
N LEU B 362 -22.75 -20.73 -26.69
CA LEU B 362 -23.86 -20.18 -27.46
C LEU B 362 -24.00 -18.67 -27.39
N TYR B 363 -24.34 -18.08 -28.52
CA TYR B 363 -24.56 -16.64 -28.61
C TYR B 363 -25.53 -16.36 -29.74
N ASN B 364 -26.21 -15.21 -29.69
CA ASN B 364 -27.13 -14.86 -30.76
C ASN B 364 -26.31 -14.28 -31.91
N THR B 365 -26.75 -14.53 -33.14
CA THR B 365 -26.07 -14.04 -34.32
C THR B 365 -25.72 -12.55 -34.14
N SER B 366 -24.44 -12.24 -34.17
CA SER B 366 -23.97 -10.87 -33.97
C SER B 366 -22.47 -10.78 -34.27
N GLU B 367 -22.05 -9.72 -34.96
CA GLU B 367 -20.65 -9.55 -35.27
C GLU B 367 -19.83 -9.39 -33.99
N ASN B 368 -20.36 -8.64 -33.04
CA ASN B 368 -19.69 -8.41 -31.77
C ASN B 368 -19.59 -9.68 -30.92
N HIS B 369 -20.71 -10.37 -30.71
CA HIS B 369 -20.67 -11.58 -29.90
C HIS B 369 -19.83 -12.66 -30.55
N GLN B 370 -19.80 -12.71 -31.88
CA GLN B 370 -18.98 -13.73 -32.53
C GLN B 370 -17.51 -13.43 -32.34
N LYS B 371 -17.14 -12.16 -32.45
CA LYS B 371 -15.74 -11.75 -32.28
C LYS B 371 -15.28 -12.17 -30.88
N ILE B 372 -16.11 -11.90 -29.88
CA ILE B 372 -15.76 -12.24 -28.51
C ILE B 372 -15.71 -13.75 -28.30
N ALA B 373 -16.69 -14.47 -28.85
CA ALA B 373 -16.73 -15.93 -28.71
C ALA B 373 -15.54 -16.61 -29.35
N ILE B 374 -15.15 -16.16 -30.54
CA ILE B 374 -14.00 -16.75 -31.22
C ILE B 374 -12.75 -16.51 -30.37
N ALA B 375 -12.62 -15.31 -29.82
CA ALA B 375 -11.48 -14.99 -28.98
C ALA B 375 -11.44 -15.86 -27.73
N VAL B 376 -12.58 -16.03 -27.06
CA VAL B 376 -12.61 -16.85 -25.85
C VAL B 376 -12.33 -18.31 -26.17
N ALA B 377 -12.86 -18.81 -27.28
CA ALA B 377 -12.61 -20.20 -27.64
C ALA B 377 -11.12 -20.38 -27.86
N SER B 378 -10.46 -19.37 -28.43
CA SER B 378 -9.03 -19.45 -28.67
C SER B 378 -8.29 -19.46 -27.34
N MET B 379 -8.78 -18.71 -26.37
CA MET B 379 -8.18 -18.64 -25.05
C MET B 379 -8.32 -19.98 -24.35
N TRP B 380 -9.49 -20.61 -24.46
CA TRP B 380 -9.68 -21.90 -23.82
C TRP B 380 -8.81 -22.98 -24.46
N LYS B 381 -8.58 -22.87 -25.77
CA LYS B 381 -7.73 -23.85 -26.45
C LYS B 381 -6.29 -23.69 -25.99
N LYS B 382 -5.78 -22.45 -26.00
CA LYS B 382 -4.41 -22.17 -25.60
C LYS B 382 -4.14 -22.28 -24.11
N ASN B 383 -5.04 -21.73 -23.29
CA ASN B 383 -4.86 -21.74 -21.85
C ASN B 383 -5.35 -22.96 -21.08
N LEU B 384 -6.47 -23.54 -21.51
CA LEU B 384 -7.01 -24.69 -20.81
C LEU B 384 -6.81 -26.00 -21.56
N GLY B 385 -6.45 -25.92 -22.83
CA GLY B 385 -6.24 -27.12 -23.64
C GLY B 385 -7.53 -27.81 -23.99
N VAL B 386 -8.62 -27.04 -24.09
CA VAL B 386 -9.93 -27.58 -24.42
C VAL B 386 -10.51 -26.89 -25.65
N ASP B 387 -11.14 -27.68 -26.51
CA ASP B 387 -11.76 -27.15 -27.72
C ASP B 387 -13.26 -27.02 -27.52
N VAL B 388 -13.71 -25.79 -27.32
CA VAL B 388 -15.13 -25.52 -27.12
C VAL B 388 -15.75 -25.09 -28.44
N LYS B 389 -16.79 -25.79 -28.86
CA LYS B 389 -17.47 -25.49 -30.11
C LYS B 389 -18.35 -24.25 -29.97
N LEU B 390 -18.50 -23.52 -31.07
CA LEU B 390 -19.31 -22.32 -31.08
C LEU B 390 -20.62 -22.56 -31.83
N GLN B 391 -21.68 -21.92 -31.36
CA GLN B 391 -22.97 -22.02 -32.03
C GLN B 391 -23.71 -20.70 -31.89
N ASN B 392 -24.24 -20.22 -33.01
CA ASN B 392 -24.99 -18.98 -33.00
C ASN B 392 -26.42 -19.30 -33.36
N GLN B 393 -27.36 -18.59 -32.74
CA GLN B 393 -28.77 -18.81 -33.02
C GLN B 393 -29.45 -17.46 -33.26
N GLU B 394 -30.54 -17.49 -34.03
CA GLU B 394 -31.28 -16.27 -34.30
C GLU B 394 -31.83 -15.79 -32.96
N TRP B 395 -32.02 -14.48 -32.83
CA TRP B 395 -32.50 -13.88 -31.59
C TRP B 395 -33.57 -14.67 -30.81
N LYS B 396 -34.73 -14.88 -31.43
CA LYS B 396 -35.82 -15.59 -30.77
C LYS B 396 -35.41 -16.97 -30.23
N THR B 397 -34.61 -17.69 -31.01
CA THR B 397 -34.15 -19.02 -30.62
C THR B 397 -33.16 -18.93 -29.46
N TYR B 398 -32.29 -17.93 -29.54
CA TYR B 398 -31.29 -17.70 -28.51
C TYR B 398 -32.00 -17.43 -27.18
N ILE B 399 -33.01 -16.57 -27.22
CA ILE B 399 -33.77 -16.23 -26.01
C ILE B 399 -34.40 -17.48 -25.40
N ASP B 400 -34.94 -18.36 -26.25
CA ASP B 400 -35.55 -19.57 -25.75
C ASP B 400 -34.51 -20.48 -25.08
N SER B 401 -33.33 -20.60 -25.69
CA SER B 401 -32.28 -21.42 -25.12
C SER B 401 -31.86 -20.86 -23.76
N ARG B 402 -31.71 -19.54 -23.72
CA ARG B 402 -31.31 -18.85 -22.50
C ARG B 402 -32.29 -19.11 -21.36
N ASN B 403 -33.58 -18.90 -21.64
CA ASN B 403 -34.62 -19.09 -20.62
C ASN B 403 -34.81 -20.53 -20.15
N THR B 404 -34.70 -21.48 -21.06
CA THR B 404 -34.92 -22.89 -20.72
C THR B 404 -33.69 -23.66 -20.23
N GLY B 405 -32.52 -23.03 -20.27
CA GLY B 405 -31.31 -23.71 -19.83
C GLY B 405 -30.76 -24.68 -20.86
N ASN B 406 -31.12 -24.46 -22.12
CA ASN B 406 -30.65 -25.32 -23.21
C ASN B 406 -29.30 -24.80 -23.72
N PHE B 407 -28.27 -24.94 -22.89
CA PHE B 407 -26.92 -24.49 -23.22
C PHE B 407 -25.91 -25.00 -22.19
N ASP B 408 -24.63 -24.88 -22.52
CA ASP B 408 -23.54 -25.24 -21.61
C ASP B 408 -23.01 -23.90 -21.10
N VAL B 409 -22.64 -23.04 -22.05
CA VAL B 409 -22.12 -21.71 -21.77
C VAL B 409 -22.87 -20.79 -22.73
N ILE B 410 -23.34 -19.65 -22.23
CA ILE B 410 -24.08 -18.72 -23.07
C ILE B 410 -23.71 -17.27 -22.78
N ARG B 411 -23.66 -16.44 -23.82
CA ARG B 411 -23.32 -15.04 -23.62
C ARG B 411 -24.51 -14.37 -22.96
N ALA B 412 -24.23 -13.44 -22.06
CA ALA B 412 -25.28 -12.73 -21.34
C ALA B 412 -24.80 -11.34 -20.97
N SER B 413 -25.72 -10.53 -20.45
CA SER B 413 -25.37 -9.16 -20.11
C SER B 413 -26.36 -8.56 -19.13
N TRP B 414 -25.89 -7.62 -18.32
CA TRP B 414 -26.78 -6.90 -17.42
C TRP B 414 -26.32 -5.47 -17.31
N VAL B 415 -27.28 -4.58 -17.49
CA VAL B 415 -27.05 -3.15 -17.34
C VAL B 415 -27.95 -2.83 -16.16
N GLY B 416 -27.37 -2.27 -15.10
CA GLY B 416 -28.14 -1.96 -13.90
C GLY B 416 -29.35 -1.07 -14.11
N ASP B 417 -30.41 -1.34 -13.34
CA ASP B 417 -31.63 -0.53 -13.42
C ASP B 417 -31.44 0.72 -12.56
N TYR B 418 -30.47 0.66 -11.66
CA TYR B 418 -30.15 1.76 -10.76
C TYR B 418 -28.73 1.55 -10.26
N ASN B 419 -28.10 2.62 -9.80
CA ASN B 419 -26.72 2.57 -9.35
C ASN B 419 -26.52 2.11 -7.91
N GLU B 420 -26.64 0.81 -7.70
CA GLU B 420 -26.47 0.19 -6.39
C GLU B 420 -26.27 -1.29 -6.71
N PRO B 421 -25.37 -1.98 -5.99
CA PRO B 421 -25.07 -3.41 -6.21
C PRO B 421 -26.20 -4.43 -6.31
N SER B 422 -27.28 -4.22 -5.58
CA SER B 422 -28.38 -5.18 -5.60
C SER B 422 -28.97 -5.47 -6.98
N THR B 423 -28.94 -4.48 -7.87
CA THR B 423 -29.50 -4.70 -9.20
C THR B 423 -28.78 -5.83 -9.92
N PHE B 424 -27.51 -6.03 -9.59
CA PHE B 424 -26.72 -7.09 -10.20
C PHE B 424 -26.79 -8.37 -9.37
N LEU B 425 -26.45 -8.26 -8.10
CA LEU B 425 -26.39 -9.41 -7.22
C LEU B 425 -27.70 -10.16 -6.96
N THR B 426 -28.84 -9.51 -7.12
CA THR B 426 -30.10 -10.20 -6.91
C THR B 426 -30.38 -11.22 -8.00
N LEU B 427 -29.75 -11.02 -9.16
CA LEU B 427 -29.94 -11.92 -10.30
C LEU B 427 -29.50 -13.35 -10.06
N LEU B 428 -28.60 -13.53 -9.11
CA LEU B 428 -28.09 -14.87 -8.82
C LEU B 428 -28.81 -15.57 -7.67
N THR B 429 -29.85 -14.94 -7.13
CA THR B 429 -30.61 -15.60 -6.07
C THR B 429 -31.39 -16.71 -6.76
N SER B 430 -31.55 -17.83 -6.06
CA SER B 430 -32.19 -19.02 -6.62
C SER B 430 -33.51 -18.87 -7.38
N THR B 431 -34.39 -18.01 -6.89
CA THR B 431 -35.70 -17.84 -7.53
C THR B 431 -35.83 -16.69 -8.51
N HIS B 432 -34.75 -15.96 -8.77
CA HIS B 432 -34.85 -14.83 -9.67
C HIS B 432 -35.09 -15.28 -11.12
N SER B 433 -36.05 -14.64 -11.77
CA SER B 433 -36.38 -14.98 -13.15
C SER B 433 -35.23 -14.69 -14.10
N GLY B 434 -34.32 -13.81 -13.69
CA GLY B 434 -33.17 -13.46 -14.51
C GLY B 434 -31.91 -14.24 -14.18
N ASN B 435 -32.06 -15.31 -13.41
CA ASN B 435 -30.95 -16.17 -13.01
C ASN B 435 -30.67 -17.16 -14.14
N ILE B 436 -29.99 -16.71 -15.18
CA ILE B 436 -29.69 -17.53 -16.35
C ILE B 436 -28.91 -18.80 -16.04
N SER B 437 -27.92 -18.71 -15.16
CA SER B 437 -27.10 -19.87 -14.81
C SER B 437 -27.85 -20.88 -13.95
N ARG B 438 -29.02 -20.48 -13.46
CA ARG B 438 -29.85 -21.34 -12.61
C ARG B 438 -29.15 -21.68 -11.30
N PHE B 439 -28.28 -20.79 -10.86
CA PHE B 439 -27.53 -20.93 -9.62
C PHE B 439 -28.51 -21.09 -8.46
N ASN B 440 -28.32 -22.12 -7.64
CA ASN B 440 -29.18 -22.36 -6.50
C ASN B 440 -28.29 -22.62 -5.29
N ASN B 441 -27.91 -21.54 -4.62
CA ASN B 441 -27.02 -21.60 -3.47
C ASN B 441 -27.67 -20.96 -2.25
N PRO B 442 -28.13 -21.78 -1.28
CA PRO B 442 -28.77 -21.24 -0.08
C PRO B 442 -27.92 -20.19 0.64
N ALA B 443 -26.61 -20.41 0.67
CA ALA B 443 -25.72 -19.47 1.33
C ALA B 443 -25.79 -18.11 0.65
N TYR B 444 -25.83 -18.12 -0.68
CA TYR B 444 -25.90 -16.89 -1.45
C TYR B 444 -27.22 -16.19 -1.19
N ASP B 445 -28.32 -16.94 -1.23
CA ASP B 445 -29.64 -16.38 -0.97
C ASP B 445 -29.68 -15.69 0.39
N LYS B 446 -29.07 -16.33 1.38
CA LYS B 446 -29.04 -15.78 2.74
C LYS B 446 -28.33 -14.43 2.79
N VAL B 447 -27.21 -14.32 2.10
CA VAL B 447 -26.44 -13.08 2.07
C VAL B 447 -27.25 -11.94 1.45
N LEU B 448 -27.93 -12.22 0.34
CA LEU B 448 -28.72 -11.18 -0.31
C LEU B 448 -29.93 -10.80 0.53
N ALA B 449 -30.48 -11.76 1.28
CA ALA B 449 -31.62 -11.48 2.13
C ALA B 449 -31.16 -10.54 3.24
N GLN B 450 -29.95 -10.78 3.75
CA GLN B 450 -29.38 -9.94 4.81
C GLN B 450 -29.20 -8.51 4.32
N ALA B 451 -28.60 -8.37 3.14
CA ALA B 451 -28.35 -7.05 2.56
C ALA B 451 -29.61 -6.19 2.47
N SER B 452 -30.75 -6.81 2.17
CA SER B 452 -32.01 -6.08 2.03
C SER B 452 -32.60 -5.56 3.33
N THR B 453 -32.17 -6.12 4.46
CA THR B 453 -32.68 -5.68 5.74
C THR B 453 -31.62 -4.90 6.51
N GLU B 454 -30.56 -4.54 5.81
CA GLU B 454 -29.45 -3.78 6.40
C GLU B 454 -29.56 -2.31 6.03
N ASN B 455 -29.71 -1.45 7.03
CA ASN B 455 -29.83 -0.02 6.80
C ASN B 455 -28.53 0.65 6.37
N THR B 456 -27.48 0.47 7.16
CA THR B 456 -26.17 1.06 6.88
C THR B 456 -25.57 0.55 5.58
N VAL B 457 -24.98 1.48 4.81
CA VAL B 457 -24.35 1.15 3.54
C VAL B 457 -23.08 0.34 3.75
N LYS B 458 -22.41 0.58 4.88
CA LYS B 458 -21.16 -0.12 5.20
C LYS B 458 -21.42 -1.60 5.39
N ALA B 459 -22.40 -1.93 6.24
CA ALA B 459 -22.73 -3.32 6.52
C ALA B 459 -23.30 -3.98 5.28
N ARG B 460 -23.96 -3.20 4.44
CA ARG B 460 -24.54 -3.73 3.20
C ARG B 460 -23.40 -4.05 2.23
N ASN B 461 -22.36 -3.22 2.22
CA ASN B 461 -21.21 -3.43 1.34
C ASN B 461 -20.52 -4.73 1.73
N ALA B 462 -20.54 -5.04 3.02
CA ALA B 462 -19.92 -6.27 3.52
C ALA B 462 -20.67 -7.46 2.94
N ASP B 463 -21.99 -7.37 2.93
CA ASP B 463 -22.83 -8.45 2.39
C ASP B 463 -22.60 -8.61 0.89
N TYR B 464 -22.53 -7.49 0.18
CA TYR B 464 -22.31 -7.55 -1.26
C TYR B 464 -20.96 -8.18 -1.57
N ASN B 465 -19.96 -7.87 -0.74
CA ASN B 465 -18.64 -8.44 -0.95
C ASN B 465 -18.69 -9.94 -0.67
N ALA B 466 -19.48 -10.33 0.33
CA ALA B 466 -19.61 -11.75 0.66
C ALA B 466 -20.28 -12.46 -0.52
N ALA B 467 -21.22 -11.77 -1.17
CA ALA B 467 -21.93 -12.33 -2.31
C ALA B 467 -20.95 -12.51 -3.48
N GLU B 468 -20.15 -11.48 -3.76
CA GLU B 468 -19.19 -11.56 -4.85
C GLU B 468 -18.18 -12.68 -4.60
N LYS B 469 -17.81 -12.88 -3.33
CA LYS B 469 -16.85 -13.94 -2.99
C LYS B 469 -17.43 -15.29 -3.39
N ILE B 470 -18.71 -15.49 -3.10
CA ILE B 470 -19.37 -16.73 -3.43
C ILE B 470 -19.41 -16.92 -4.95
N LEU B 471 -19.71 -15.84 -5.67
CA LEU B 471 -19.77 -15.94 -7.13
C LEU B 471 -18.39 -16.26 -7.70
N MET B 472 -17.35 -15.75 -7.04
CA MET B 472 -16.00 -16.00 -7.49
C MET B 472 -15.58 -17.45 -7.23
N GLU B 473 -15.96 -17.96 -6.06
CA GLU B 473 -15.63 -19.33 -5.66
C GLU B 473 -16.43 -20.39 -6.41
N GLN B 474 -17.71 -20.13 -6.63
CA GLN B 474 -18.60 -21.08 -7.31
C GLN B 474 -18.68 -20.89 -8.81
N ALA B 475 -18.27 -19.72 -9.28
CA ALA B 475 -18.27 -19.40 -10.71
C ALA B 475 -19.52 -19.80 -11.50
N PRO B 476 -20.72 -19.44 -11.01
CA PRO B 476 -21.92 -19.83 -11.78
C PRO B 476 -21.93 -19.05 -13.10
N ILE B 477 -21.24 -17.90 -13.09
CA ILE B 477 -21.11 -17.06 -14.26
C ILE B 477 -19.66 -16.58 -14.32
N ALA B 478 -19.25 -16.11 -15.49
CA ALA B 478 -17.90 -15.62 -15.68
C ALA B 478 -17.93 -14.20 -16.26
N PRO B 479 -17.80 -13.19 -15.38
CA PRO B 479 -17.81 -11.80 -15.87
C PRO B 479 -16.59 -11.66 -16.80
N ILE B 480 -16.75 -10.93 -17.89
CA ILE B 480 -15.64 -10.74 -18.82
C ILE B 480 -15.16 -9.30 -18.84
N TYR B 481 -16.04 -8.35 -19.15
CA TYR B 481 -15.65 -6.96 -19.17
C TYR B 481 -16.78 -6.02 -18.78
N GLN B 482 -16.41 -4.79 -18.45
CA GLN B 482 -17.37 -3.77 -18.05
C GLN B 482 -17.60 -2.86 -19.26
N TYR B 483 -18.85 -2.54 -19.53
CA TYR B 483 -19.19 -1.69 -20.67
C TYR B 483 -18.63 -0.27 -20.56
N THR B 484 -18.48 0.37 -21.72
CA THR B 484 -17.99 1.74 -21.81
C THR B 484 -18.73 2.49 -22.91
N ASN B 485 -19.24 3.68 -22.59
CA ASN B 485 -19.97 4.52 -23.55
C ASN B 485 -19.20 5.82 -23.77
N GLY B 486 -18.35 5.85 -24.79
CA GLY B 486 -17.54 7.02 -25.07
C GLY B 486 -18.23 8.33 -25.40
N ARG B 487 -17.53 9.42 -25.11
CA ARG B 487 -18.01 10.78 -25.36
C ARG B 487 -16.81 11.66 -25.67
N LEU B 488 -17.05 12.74 -26.42
CA LEU B 488 -16.00 13.71 -26.72
C LEU B 488 -16.43 14.96 -25.96
N ILE B 489 -15.50 15.57 -25.23
CA ILE B 489 -15.77 16.77 -24.43
C ILE B 489 -14.70 17.82 -24.73
N LYS B 490 -15.12 19.00 -25.16
CA LYS B 490 -14.17 20.06 -25.47
C LYS B 490 -13.32 20.46 -24.26
N PRO B 491 -12.09 20.93 -24.51
CA PRO B 491 -11.16 21.34 -23.45
C PRO B 491 -11.72 22.40 -22.51
N TRP B 492 -12.58 23.27 -23.03
CA TRP B 492 -13.15 24.35 -22.24
C TRP B 492 -14.39 24.00 -21.42
N LEU B 493 -14.95 22.82 -21.63
CA LEU B 493 -16.12 22.40 -20.87
C LEU B 493 -15.72 21.63 -19.64
N LYS B 494 -16.01 22.20 -18.47
CA LYS B 494 -15.68 21.56 -17.21
C LYS B 494 -16.95 21.25 -16.43
N GLY B 495 -16.84 20.33 -15.48
CA GLY B 495 -17.99 19.99 -14.66
C GLY B 495 -18.88 18.86 -15.14
N TYR B 496 -18.59 18.28 -16.30
CA TYR B 496 -19.42 17.18 -16.76
C TYR B 496 -19.03 15.97 -15.91
N PRO B 497 -20.02 15.27 -15.33
CA PRO B 497 -19.77 14.10 -14.49
C PRO B 497 -19.47 12.87 -15.32
N ILE B 498 -18.40 12.93 -16.09
CA ILE B 498 -18.05 11.83 -16.97
C ILE B 498 -17.88 10.47 -16.30
N ASN B 499 -17.48 10.46 -15.03
CA ASN B 499 -17.30 9.19 -14.32
C ASN B 499 -18.58 8.57 -13.78
N ASN B 500 -19.71 9.25 -13.92
CA ASN B 500 -20.96 8.70 -13.44
C ASN B 500 -21.29 7.50 -14.35
N PRO B 501 -21.37 6.29 -13.79
CA PRO B 501 -21.67 5.09 -14.59
C PRO B 501 -23.01 4.99 -15.29
N GLU B 502 -23.98 5.80 -14.86
CA GLU B 502 -25.28 5.80 -15.51
C GLU B 502 -25.41 7.01 -16.40
N ASP B 503 -24.30 7.75 -16.52
CA ASP B 503 -24.24 8.97 -17.31
C ASP B 503 -25.36 9.94 -16.95
N VAL B 504 -25.59 10.09 -15.65
CA VAL B 504 -26.60 11.01 -15.14
C VAL B 504 -25.87 12.35 -14.98
N ALA B 505 -26.32 13.35 -15.73
CA ALA B 505 -25.68 14.66 -15.69
C ALA B 505 -26.71 15.79 -15.63
N TYR B 506 -26.29 16.91 -15.05
CA TYR B 506 -27.12 18.09 -14.90
C TYR B 506 -26.29 19.30 -15.32
N SER B 507 -26.82 20.11 -16.24
CA SER B 507 -26.09 21.29 -16.70
C SER B 507 -25.68 22.24 -15.58
N ARG B 508 -26.40 22.21 -14.46
CA ARG B 508 -26.08 23.08 -13.33
C ARG B 508 -24.69 22.89 -12.75
N THR B 509 -24.05 21.76 -13.03
CA THR B 509 -22.70 21.50 -12.50
C THR B 509 -21.61 21.89 -13.49
N MET B 510 -22.01 22.24 -14.71
CA MET B 510 -21.05 22.57 -15.75
C MET B 510 -20.70 24.04 -15.88
N TYR B 511 -19.56 24.31 -16.49
CA TYR B 511 -19.10 25.67 -16.71
C TYR B 511 -18.01 25.72 -17.78
N ILE B 512 -17.89 26.89 -18.41
CA ILE B 512 -16.91 27.11 -19.46
C ILE B 512 -15.69 27.87 -18.97
N VAL B 513 -14.51 27.36 -19.29
CA VAL B 513 -13.28 28.04 -18.91
C VAL B 513 -12.58 28.48 -20.18
N LYS B 514 -11.49 29.19 -20.05
CA LYS B 514 -10.77 29.63 -21.23
C LYS B 514 -9.27 29.52 -20.98
N HIS B 515 -8.55 29.17 -22.02
CA HIS B 515 -7.10 29.03 -21.95
C HIS B 515 -6.56 29.47 -23.30
N SER B 516 -5.35 30.04 -23.30
CA SER B 516 -4.75 30.55 -24.54
C SER B 516 -4.41 29.54 -25.64
N ARG B 517 -4.31 28.25 -25.30
CA ARG B 517 -3.99 27.24 -26.31
C ARG B 517 -5.25 26.62 -26.89
N HIS B 518 -6.41 27.12 -26.51
CA HIS B 518 -7.68 26.60 -27.01
C HIS B 518 -7.99 27.13 -28.40
#